data_5ODE
#
_entry.id   5ODE
#
_cell.length_a   57.229
_cell.length_b   136.419
_cell.length_c   267.676
_cell.angle_alpha   90.00
_cell.angle_beta   90.00
_cell.angle_gamma   90.00
#
_symmetry.space_group_name_H-M   'I 2 2 2'
#
loop_
_entity.id
_entity.type
_entity.pdbx_description
1 polymer 'Gll2934 protein'
2 non-polymer 'FLAVIN-ADENINE DINUCLEOTIDE'
3 non-polymer 'SULFATE ION'
4 water water
#
_entity_poly.entity_id   1
_entity_poly.type   'polypeptide(L)'
_entity_poly.pdbx_seq_one_letter_code
;GSHMILKREHFDEKQAQLYDVIIAGGGAGGLSAAVYLARYNLKVLVIEKGRGRSFWMQDLWNYVPRVVSGKELIEGGKEM
ALHYGADWLNGFVEAVTDTGEEFQVRVKYRFKNSDYPVFRAKYLIAATGLMDVLPQLENMQNVYEYAGYNLHVCLICDGY
EMTNRRAALIAGSEKAINTAFVLNWFTPYITVLTLGAYPVGDEMRAKLADHGYPLIEKPIARFLGKDHVMDGIEFADGTS
IKVDTGLISMGSIRHDGYLKNLDLLTDGGDIVTEYDCRTSHPRVFALGDLKKGLNQVSIAVADGTLAATAIWKEIRRASA
PRKWTAPLQEAAARAEESARPEISLGAPRGG
;
_entity_poly.pdbx_strand_id   A,B
#
loop_
_chem_comp.id
_chem_comp.type
_chem_comp.name
_chem_comp.formula
FAD non-polymer 'FLAVIN-ADENINE DINUCLEOTIDE' 'C27 H33 N9 O15 P2'
SO4 non-polymer 'SULFATE ION' 'O4 S -2'
#
# COMPACT_ATOMS: atom_id res chain seq x y z
N GLY A 1 -4.32 -25.07 -1.83
CA GLY A 1 -5.71 -25.24 -2.33
C GLY A 1 -6.45 -23.92 -2.48
N SER A 2 -7.43 -23.94 -3.38
CA SER A 2 -8.29 -22.80 -3.63
C SER A 2 -9.65 -22.87 -2.90
N HIS A 3 -9.73 -23.51 -1.72
CA HIS A 3 -10.99 -23.64 -1.04
C HIS A 3 -10.85 -23.37 0.46
N MET A 4 -11.96 -23.02 1.11
CA MET A 4 -11.94 -22.78 2.55
C MET A 4 -11.86 -24.13 3.25
N ILE A 5 -11.11 -24.19 4.35
CA ILE A 5 -10.95 -25.43 5.05
C ILE A 5 -12.06 -25.69 6.07
N LEU A 6 -12.71 -26.85 5.95
CA LEU A 6 -13.76 -27.27 6.86
C LEU A 6 -13.23 -28.43 7.72
N LYS A 7 -14.13 -29.23 8.25
CA LYS A 7 -13.75 -30.32 9.15
C LYS A 7 -12.92 -31.46 8.52
N ARG A 8 -13.28 -31.88 7.31
CA ARG A 8 -12.59 -32.97 6.65
C ARG A 8 -11.10 -32.78 6.33
N HIS A 10 -10.72 -31.59 5.87
CA HIS A 10 -9.35 -31.34 5.43
C HIS A 10 -8.27 -31.20 6.48
N PHE A 11 -8.63 -31.23 7.76
CA PHE A 11 -7.64 -31.05 8.80
C PHE A 11 -6.60 -32.16 8.77
N ASP A 12 -7.04 -33.41 8.56
CA ASP A 12 -6.10 -34.52 8.57
C ASP A 12 -5.08 -34.37 7.44
N GLU A 13 -5.52 -33.94 6.26
CA GLU A 13 -4.60 -33.71 5.15
C GLU A 13 -3.68 -32.53 5.44
N LYS A 14 -4.25 -31.37 5.77
CA LYS A 14 -3.47 -30.14 5.84
C LYS A 14 -2.49 -30.14 7.01
N GLN A 15 -2.81 -30.85 8.10
CA GLN A 15 -1.87 -30.93 9.21
C GLN A 15 -0.60 -31.69 8.81
N ALA A 16 -0.74 -32.73 7.98
CA ALA A 16 0.43 -33.45 7.51
C ALA A 16 1.24 -32.62 6.52
N GLN A 17 0.54 -31.91 5.64
CA GLN A 17 1.16 -31.09 4.63
C GLN A 17 1.92 -29.92 5.27
N LEU A 18 3.08 -29.57 4.72
CA LEU A 18 3.85 -28.47 5.29
C LEU A 18 3.73 -27.23 4.37
N TYR A 19 3.12 -26.15 4.88
CA TYR A 19 2.95 -24.93 4.11
C TYR A 19 4.24 -24.12 4.04
N ASP A 20 4.44 -23.34 2.98
CA ASP A 20 5.61 -22.49 2.93
C ASP A 20 5.52 -21.42 4.00
N VAL A 21 4.35 -20.80 4.11
CA VAL A 21 4.12 -19.77 5.11
C VAL A 21 2.69 -19.89 5.62
N ILE A 22 2.48 -19.59 6.90
CA ILE A 22 1.14 -19.59 7.46
C ILE A 22 0.86 -18.14 7.85
N ILE A 23 -0.27 -17.59 7.45
CA ILE A 23 -0.56 -16.21 7.79
C ILE A 23 -1.58 -16.11 8.93
N ALA A 24 -1.22 -15.42 10.01
CA ALA A 24 -2.13 -15.26 11.13
C ALA A 24 -2.87 -13.96 10.94
N GLY A 25 -4.18 -14.05 10.82
CA GLY A 25 -5.01 -12.88 10.59
C GLY A 25 -5.29 -12.63 9.12
N GLY A 26 -6.56 -12.55 8.77
CA GLY A 26 -6.97 -12.33 7.39
C GLY A 26 -7.54 -10.95 7.15
N GLY A 27 -6.79 -9.92 7.53
CA GLY A 27 -7.18 -8.54 7.34
C GLY A 27 -6.48 -7.91 6.16
N ALA A 28 -6.29 -6.58 6.25
CA ALA A 28 -5.67 -5.84 5.16
C ALA A 28 -4.29 -6.38 4.84
N GLY A 29 -3.40 -6.43 5.84
CA GLY A 29 -2.04 -6.87 5.57
C GLY A 29 -1.95 -8.36 5.30
N GLY A 30 -2.66 -9.17 6.08
CA GLY A 30 -2.59 -10.61 5.90
C GLY A 30 -3.09 -11.06 4.54
N LEU A 31 -4.21 -10.48 4.08
CA LEU A 31 -4.75 -10.85 2.78
C LEU A 31 -3.81 -10.44 1.65
N SER A 32 -3.23 -9.24 1.75
CA SER A 32 -2.28 -8.80 0.74
C SER A 32 -1.12 -9.77 0.62
N ALA A 33 -0.57 -10.18 1.75
CA ALA A 33 0.50 -11.16 1.77
C ALA A 33 0.03 -12.51 1.22
N ALA A 34 -1.18 -12.95 1.53
CA ALA A 34 -1.72 -14.19 0.99
C ALA A 34 -1.85 -14.12 -0.52
N VAL A 35 -2.37 -13.02 -1.06
CA VAL A 35 -2.47 -12.89 -2.49
C VAL A 35 -1.10 -12.93 -3.18
N TYR A 36 -0.09 -12.25 -2.64
CA TYR A 36 1.25 -12.27 -3.22
C TYR A 36 1.92 -13.65 -3.19
N LEU A 37 1.80 -14.29 -2.03
CA LEU A 37 2.31 -15.64 -1.81
C LEU A 37 1.61 -16.67 -2.68
N ALA A 38 0.29 -16.60 -2.79
CA ALA A 38 -0.43 -17.48 -3.69
C ALA A 38 0.02 -17.20 -5.12
N ARG A 39 0.17 -15.93 -5.51
CA ARG A 39 0.71 -15.54 -6.81
C ARG A 39 2.18 -15.96 -7.04
N TYR A 40 2.97 -16.19 -6.00
CA TYR A 40 4.29 -16.75 -6.15
C TYR A 40 4.30 -18.31 -6.16
N ASN A 41 3.17 -19.01 -6.30
CA ASN A 41 3.09 -20.47 -6.29
C ASN A 41 3.69 -21.10 -5.04
N LEU A 42 3.33 -20.56 -3.89
CA LEU A 42 3.80 -21.06 -2.61
C LEU A 42 2.57 -21.53 -1.85
N LYS A 43 2.76 -22.48 -0.95
CA LYS A 43 1.64 -22.98 -0.18
C LYS A 43 1.44 -22.03 1.00
N VAL A 44 0.25 -21.46 1.09
CA VAL A 44 -0.06 -20.48 2.12
C VAL A 44 -1.44 -20.76 2.69
N LEU A 45 -1.56 -20.62 4.00
CA LEU A 45 -2.83 -20.76 4.71
C LEU A 45 -3.10 -19.50 5.50
N VAL A 46 -4.29 -18.92 5.33
CA VAL A 46 -4.72 -17.73 6.05
C VAL A 46 -5.70 -18.16 7.12
N ILE A 47 -5.53 -17.64 8.34
CA ILE A 47 -6.36 -18.00 9.48
C ILE A 47 -6.98 -16.71 10.01
N GLU A 48 -8.31 -16.62 9.92
CA GLU A 48 -9.04 -15.39 10.26
C GLU A 48 -10.10 -15.72 11.30
N LYS A 49 -10.10 -14.97 12.40
CA LYS A 49 -11.09 -15.17 13.45
C LYS A 49 -12.41 -14.47 13.13
N GLY A 50 -12.34 -13.31 12.51
CA GLY A 50 -13.52 -12.51 12.21
C GLY A 50 -13.67 -11.33 13.17
N ARG A 51 -14.57 -10.43 12.79
CA ARG A 51 -14.86 -9.23 13.59
C ARG A 51 -13.57 -8.51 13.98
N GLY A 52 -12.74 -8.24 12.97
CA GLY A 52 -11.48 -7.56 13.19
C GLY A 52 -11.63 -6.05 13.17
N ARG A 53 -10.53 -5.35 13.38
CA ARG A 53 -10.55 -3.89 13.40
C ARG A 53 -11.04 -3.32 12.06
N SER A 54 -10.55 -3.85 10.95
CA SER A 54 -11.01 -3.44 9.63
C SER A 54 -12.52 -3.69 9.41
N PHE A 55 -13.06 -4.78 9.93
CA PHE A 55 -14.47 -5.09 9.79
C PHE A 55 -15.33 -3.99 10.39
N TRP A 56 -14.92 -3.37 11.49
CA TRP A 56 -15.76 -2.33 12.08
C TRP A 56 -15.60 -0.98 11.38
N MET A 57 -14.61 -0.83 10.51
CA MET A 57 -14.44 0.39 9.75
C MET A 57 -15.58 0.55 8.74
N GLN A 58 -16.37 1.60 8.91
CA GLN A 58 -17.52 1.81 8.03
C GLN A 58 -17.09 2.35 6.67
N ASP A 59 -16.15 3.30 6.65
CA ASP A 59 -15.72 3.93 5.41
C ASP A 59 -14.20 4.01 5.40
N LEU A 60 -13.58 3.42 4.37
CA LEU A 60 -12.15 3.52 4.14
C LEU A 60 -11.92 4.73 3.26
N TRP A 61 -11.47 5.83 3.85
CA TRP A 61 -11.49 7.11 3.15
C TRP A 61 -10.27 7.29 2.25
N ASN A 62 -9.10 6.80 2.66
CA ASN A 62 -7.84 7.22 2.06
C ASN A 62 -7.09 6.05 1.42
N TYR A 63 -7.81 5.07 0.89
CA TYR A 63 -7.21 3.93 0.20
C TYR A 63 -7.68 3.95 -1.26
N VAL A 64 -6.84 4.46 -2.15
CA VAL A 64 -7.18 4.59 -3.56
C VAL A 64 -7.40 3.20 -4.13
N PRO A 65 -8.15 3.04 -5.23
CA PRO A 65 -8.84 4.08 -5.99
C PRO A 65 -10.31 4.31 -5.61
N ARG A 66 -10.87 3.44 -4.77
CA ARG A 66 -12.29 3.49 -4.45
C ARG A 66 -12.49 3.50 -2.94
N VAL A 67 -13.52 4.22 -2.51
CA VAL A 67 -13.91 4.25 -1.11
C VAL A 67 -14.81 3.05 -0.84
N VAL A 68 -14.34 2.13 0.00
CA VAL A 68 -15.06 0.91 0.32
C VAL A 68 -15.21 0.80 1.83
N SER A 69 -16.17 -0.02 2.24
CA SER A 69 -16.31 -0.35 3.65
C SER A 69 -15.32 -1.45 4.03
N GLY A 70 -15.10 -1.59 5.33
CA GLY A 70 -14.20 -2.61 5.85
C GLY A 70 -14.64 -4.02 5.48
N LYS A 71 -15.93 -4.31 5.54
CA LYS A 71 -16.43 -5.61 5.12
C LYS A 71 -16.14 -5.86 3.62
N GLU A 72 -16.31 -4.86 2.76
CA GLU A 72 -15.99 -4.99 1.35
C GLU A 72 -14.51 -5.27 1.17
N LEU A 73 -13.67 -4.61 1.96
CA LEU A 73 -12.22 -4.82 1.84
C LEU A 73 -11.87 -6.27 2.11
N ILE A 74 -12.34 -6.82 3.25
CA ILE A 74 -12.01 -8.20 3.59
C ILE A 74 -12.64 -9.16 2.60
N GLU A 75 -13.89 -8.92 2.22
CA GLU A 75 -14.56 -9.82 1.28
C GLU A 75 -13.85 -9.87 -0.06
N GLY A 76 -13.44 -8.71 -0.58
CA GLY A 76 -12.75 -8.70 -1.85
C GLY A 76 -11.37 -9.34 -1.76
N GLY A 77 -10.60 -8.98 -0.75
CA GLY A 77 -9.27 -9.57 -0.58
C GLY A 77 -9.34 -11.06 -0.29
N LYS A 78 -10.35 -11.47 0.47
CA LYS A 78 -10.54 -12.90 0.72
C LYS A 78 -10.81 -13.65 -0.58
N GLU A 79 -11.78 -13.16 -1.36
CA GLU A 79 -12.07 -13.76 -2.66
C GLU A 79 -10.81 -13.85 -3.52
N MET A 80 -10.04 -12.76 -3.57
CA MET A 80 -8.83 -12.74 -4.38
C MET A 80 -7.85 -13.81 -3.92
N ALA A 81 -7.59 -13.88 -2.62
CA ALA A 81 -6.63 -14.86 -2.11
C ALA A 81 -7.04 -16.27 -2.49
N LEU A 82 -8.33 -16.60 -2.34
CA LEU A 82 -8.80 -17.93 -2.72
C LEU A 82 -8.61 -18.16 -4.22
N HIS A 83 -8.94 -17.16 -5.04
CA HIS A 83 -8.83 -17.32 -6.48
C HIS A 83 -7.42 -17.73 -6.90
N TYR A 84 -6.40 -17.16 -6.25
CA TYR A 84 -5.02 -17.38 -6.64
C TYR A 84 -4.40 -18.62 -5.99
N GLY A 85 -5.14 -19.33 -5.15
CA GLY A 85 -4.69 -20.59 -4.61
C GLY A 85 -4.42 -20.62 -3.12
N ALA A 86 -4.77 -19.57 -2.39
CA ALA A 86 -4.55 -19.56 -0.96
C ALA A 86 -5.64 -20.37 -0.26
N ASP A 87 -5.27 -20.97 0.86
CA ASP A 87 -6.21 -21.68 1.72
C ASP A 87 -6.63 -20.75 2.85
N TRP A 88 -7.93 -20.74 3.14
CA TRP A 88 -8.52 -19.85 4.13
C TRP A 88 -9.21 -20.68 5.21
N LEU A 89 -8.94 -20.38 6.47
CA LEU A 89 -9.54 -21.07 7.59
C LEU A 89 -10.13 -20.06 8.56
N ASN A 90 -11.36 -20.31 9.00
CA ASN A 90 -12.03 -19.46 10.00
C ASN A 90 -11.68 -20.00 11.38
N GLY A 91 -10.64 -19.45 11.98
CA GLY A 91 -10.18 -19.91 13.28
C GLY A 91 -9.35 -18.86 13.98
N PHE A 92 -8.94 -19.19 15.20
CA PHE A 92 -8.14 -18.32 16.04
C PHE A 92 -6.79 -18.98 16.31
N VAL A 93 -5.71 -18.23 16.10
CA VAL A 93 -4.36 -18.74 16.32
C VAL A 93 -3.99 -18.59 17.79
N GLU A 94 -3.62 -19.71 18.44
CA GLU A 94 -3.30 -19.69 19.86
C GLU A 94 -1.81 -19.52 20.14
N ALA A 95 -0.98 -20.39 19.57
CA ALA A 95 0.44 -20.43 19.92
C ALA A 95 1.25 -20.95 18.76
N VAL A 96 2.57 -20.75 18.84
CA VAL A 96 3.51 -21.17 17.82
C VAL A 96 4.74 -21.76 18.51
N THR A 97 5.25 -22.86 17.97
CA THR A 97 6.44 -23.52 18.50
C THR A 97 7.50 -23.58 17.40
N ASP A 98 8.70 -23.10 17.71
CA ASP A 98 9.82 -23.12 16.78
C ASP A 98 10.74 -24.29 17.13
N THR A 99 10.86 -25.22 16.20
CA THR A 99 11.75 -26.38 16.36
C THR A 99 13.16 -26.23 15.75
N GLY A 100 13.61 -25.02 15.35
CA GLY A 100 14.88 -24.82 14.67
C GLY A 100 14.62 -24.60 13.19
N GLU A 101 13.81 -25.46 12.58
CA GLU A 101 13.37 -25.28 11.22
C GLU A 101 11.85 -25.57 11.32
N GLU A 102 11.04 -24.71 10.69
CA GLU A 102 9.55 -24.73 10.62
C GLU A 102 8.87 -24.18 11.88
N PHE A 103 7.59 -23.91 11.77
CA PHE A 103 6.80 -23.43 12.89
C PHE A 103 5.59 -24.34 13.00
N GLN A 104 5.16 -24.56 14.22
CA GLN A 104 3.99 -25.37 14.52
C GLN A 104 2.94 -24.46 15.13
N VAL A 105 1.81 -24.32 14.45
CA VAL A 105 0.82 -23.28 14.76
C VAL A 105 -0.48 -23.96 15.18
N ARG A 106 -0.81 -23.82 16.47
CA ARG A 106 -2.06 -24.35 17.00
C ARG A 106 -3.19 -23.36 16.77
N VAL A 107 -4.36 -23.89 16.37
CA VAL A 107 -5.50 -23.06 16.01
C VAL A 107 -6.75 -23.61 16.69
N LYS A 108 -7.47 -22.75 17.40
CA LYS A 108 -8.76 -23.08 17.96
C LYS A 108 -9.82 -22.95 16.87
N TYR A 109 -10.44 -24.07 16.49
CA TYR A 109 -11.47 -24.08 15.47
C TYR A 109 -12.84 -24.20 16.14
N ARG A 110 -13.69 -23.23 15.88
CA ARG A 110 -15.04 -23.20 16.45
C ARG A 110 -14.94 -22.56 17.83
N PHE A 111 -15.95 -21.79 18.23
CA PHE A 111 -15.92 -21.13 19.53
C PHE A 111 -16.01 -22.06 20.75
N LYS A 112 -16.94 -23.00 20.70
CA LYS A 112 -17.19 -23.96 21.77
C LYS A 112 -16.94 -25.34 21.19
N ASN A 113 -16.46 -26.28 22.02
CA ASN A 113 -16.11 -27.63 21.57
C ASN A 113 -15.15 -27.51 20.37
N SER A 114 -14.08 -26.72 20.56
CA SER A 114 -13.15 -26.39 19.50
C SER A 114 -12.06 -27.43 19.21
N ASP A 115 -11.83 -27.72 17.93
CA ASP A 115 -10.76 -28.61 17.53
C ASP A 115 -9.48 -27.79 17.64
N TYR A 116 -8.38 -28.45 17.93
CA TYR A 116 -7.10 -27.76 18.05
C TYR A 116 -6.11 -28.32 17.04
N PRO A 117 -6.38 -28.13 15.74
CA PRO A 117 -5.44 -28.61 14.73
C PRO A 117 -4.15 -27.82 14.74
N VAL A 118 -3.03 -28.45 14.42
CA VAL A 118 -1.75 -27.77 14.39
C VAL A 118 -1.25 -27.81 12.95
N PHE A 119 -0.79 -26.67 12.42
CA PHE A 119 -0.33 -26.64 11.05
C PHE A 119 1.17 -26.35 11.00
N ARG A 120 1.80 -26.76 9.92
CA ARG A 120 3.24 -26.59 9.79
C ARG A 120 3.62 -25.60 8.70
N ALA A 121 4.69 -24.86 8.92
CA ALA A 121 5.18 -23.91 7.93
C ALA A 121 6.63 -23.55 8.23
N LYS A 122 7.38 -23.28 7.16
CA LYS A 122 8.76 -22.85 7.30
C LYS A 122 8.84 -21.40 7.79
N TYR A 123 7.90 -20.56 7.35
CA TYR A 123 7.86 -19.15 7.72
C TYR A 123 6.52 -18.82 8.34
N LEU A 124 6.48 -17.69 9.04
CA LEU A 124 5.26 -17.20 9.68
C LEU A 124 5.13 -15.70 9.42
N ILE A 125 3.90 -15.25 9.21
CA ILE A 125 3.60 -13.84 9.03
C ILE A 125 2.61 -13.43 10.13
N ALA A 126 3.03 -12.52 11.00
CA ALA A 126 2.17 -11.98 12.05
C ALA A 126 1.41 -10.80 11.48
N ALA A 127 0.13 -11.01 11.17
CA ALA A 127 -0.72 -9.98 10.58
C ALA A 127 -2.09 -10.00 11.26
N THR A 128 -2.10 -9.96 12.58
CA THR A 128 -3.32 -9.99 13.36
C THR A 128 -3.76 -8.62 13.85
N GLY A 129 -2.98 -7.57 13.59
CA GLY A 129 -3.38 -6.23 13.93
C GLY A 129 -3.65 -6.07 15.41
N LEU A 130 -4.61 -5.19 15.72
CA LEU A 130 -4.97 -4.89 17.11
C LEU A 130 -6.39 -4.36 17.19
N MET A 131 -6.94 -4.27 18.39
CA MET A 131 -8.30 -3.76 18.57
C MET A 131 -8.33 -2.53 19.48
N ASP A 132 -9.02 -1.47 19.07
CA ASP A 132 -9.10 -0.25 19.87
C ASP A 132 -9.96 -0.41 21.13
N VAL A 133 -9.54 0.22 22.23
CA VAL A 133 -10.30 0.17 23.46
C VAL A 133 -11.53 1.05 23.28
N LEU A 134 -12.66 0.67 23.88
CA LEU A 134 -13.88 1.44 23.76
C LEU A 134 -14.42 1.78 25.14
N PRO A 135 -15.07 2.95 25.28
CA PRO A 135 -15.58 3.31 26.58
C PRO A 135 -16.52 2.19 27.01
N GLN A 136 -16.53 1.86 28.29
CA GLN A 136 -17.37 0.76 28.74
C GLN A 136 -18.70 1.21 29.37
N LEU A 137 -19.82 0.81 28.77
CA LEU A 137 -21.15 1.12 29.27
C LEU A 137 -21.88 -0.22 29.37
N GLU A 138 -22.89 -0.28 30.22
CA GLU A 138 -23.62 -1.53 30.36
C GLU A 138 -24.26 -1.90 29.03
N ASN A 139 -24.87 -0.96 28.31
CA ASN A 139 -25.38 -1.29 27.00
C ASN A 139 -24.33 -0.90 25.98
N MET A 140 -23.46 -1.83 25.61
CA MET A 140 -22.40 -1.51 24.65
C MET A 140 -22.97 -1.26 23.26
N GLN A 141 -24.17 -1.73 22.97
CA GLN A 141 -24.82 -1.40 21.71
C GLN A 141 -25.00 0.11 21.56
N ASN A 142 -25.04 0.85 22.67
CA ASN A 142 -25.09 2.30 22.59
C ASN A 142 -23.77 2.87 22.11
N VAL A 143 -22.67 2.32 22.60
CA VAL A 143 -21.33 2.69 22.13
C VAL A 143 -21.12 2.24 20.66
N TYR A 144 -21.50 1.01 20.34
CA TYR A 144 -21.40 0.46 18.98
C TYR A 144 -22.25 1.21 17.94
N GLU A 145 -23.42 1.73 18.32
CA GLU A 145 -24.24 2.47 17.37
C GLU A 145 -23.47 3.66 16.76
N TYR A 146 -22.71 4.40 17.57
CA TYR A 146 -21.91 5.51 17.04
C TYR A 146 -20.40 5.24 16.79
N ALA A 147 -19.78 4.25 17.44
CA ALA A 147 -18.36 4.00 17.21
C ALA A 147 -18.12 3.56 15.77
N GLY A 148 -17.15 4.19 15.14
CA GLY A 148 -16.82 3.88 13.76
C GLY A 148 -17.60 4.70 12.75
N TYR A 149 -18.62 5.43 13.17
CA TYR A 149 -19.39 6.29 12.28
C TYR A 149 -18.87 7.72 12.38
N ASN A 150 -19.34 8.48 13.36
CA ASN A 150 -18.79 9.79 13.66
C ASN A 150 -18.13 9.84 15.04
N LEU A 151 -18.07 8.71 15.73
CA LEU A 151 -17.22 8.54 16.92
C LEU A 151 -16.00 7.76 16.47
N HIS A 152 -14.88 8.45 16.33
CA HIS A 152 -13.70 7.90 15.65
C HIS A 152 -12.71 7.32 16.65
N VAL A 153 -11.78 6.52 16.14
CA VAL A 153 -10.78 5.86 16.96
C VAL A 153 -9.37 6.15 16.46
N CYS A 154 -9.24 6.71 15.26
CA CYS A 154 -7.93 7.00 14.66
CA CYS A 154 -7.94 7.00 14.68
C CYS A 154 -7.95 8.43 14.11
N LEU A 155 -6.99 9.24 14.55
CA LEU A 155 -6.97 10.64 14.17
C LEU A 155 -6.69 10.82 12.68
N ILE A 156 -5.71 10.08 12.15
CA ILE A 156 -5.33 10.24 10.75
C ILE A 156 -6.47 9.81 9.84
N CYS A 157 -7.12 8.72 10.25
CA CYS A 157 -8.26 8.24 9.36
CA CYS A 157 -8.27 8.17 9.33
C CYS A 157 -9.56 9.16 9.14
N ASP A 158 -9.91 9.79 10.26
CA ASP A 158 -11.14 10.57 10.24
C ASP A 158 -10.94 12.03 10.66
N GLY A 159 -9.70 12.49 10.81
CA GLY A 159 -9.48 13.87 11.19
C GLY A 159 -10.13 14.85 10.22
N TYR A 160 -10.10 14.51 8.92
CA TYR A 160 -10.67 15.40 7.91
C TYR A 160 -12.15 15.68 8.19
N GLU A 161 -12.92 14.65 8.53
CA GLU A 161 -14.34 14.82 8.79
C GLU A 161 -14.61 15.56 10.11
N MET A 162 -13.62 15.69 10.98
CA MET A 162 -13.77 16.39 12.24
C MET A 162 -13.42 17.87 12.15
N THR A 163 -13.11 18.37 10.96
CA THR A 163 -12.57 19.72 10.83
C THR A 163 -13.56 20.75 11.36
N ASN A 164 -13.12 21.53 12.35
CA ASN A 164 -13.88 22.67 12.87
C ASN A 164 -15.25 22.27 13.42
N ARG A 165 -15.35 21.05 13.96
CA ARG A 165 -16.58 20.57 14.57
C ARG A 165 -16.38 20.43 16.08
N ARG A 166 -17.48 20.57 16.83
CA ARG A 166 -17.44 20.32 18.26
C ARG A 166 -17.03 18.87 18.53
N ALA A 167 -15.87 18.68 19.12
CA ALA A 167 -15.25 17.36 19.24
C ALA A 167 -15.00 17.03 20.71
N ALA A 168 -15.25 15.78 21.07
CA ALA A 168 -14.96 15.27 22.41
C ALA A 168 -13.81 14.27 22.32
N LEU A 169 -12.79 14.47 23.15
CA LEU A 169 -11.63 13.58 23.19
C LEU A 169 -11.72 12.73 24.45
N ILE A 170 -11.98 11.44 24.27
CA ILE A 170 -12.07 10.49 25.38
C ILE A 170 -10.68 9.89 25.55
N ALA A 171 -9.93 10.42 26.51
CA ALA A 171 -8.55 10.02 26.75
C ALA A 171 -8.49 8.99 27.87
N GLY A 172 -7.74 7.92 27.65
CA GLY A 172 -7.55 6.89 28.64
C GLY A 172 -6.38 7.09 29.57
N SER A 173 -5.66 8.20 29.46
CA SER A 173 -4.47 8.41 30.29
C SER A 173 -3.97 9.84 30.08
N GLU A 174 -3.18 10.31 31.04
CA GLU A 174 -2.65 11.67 30.95
C GLU A 174 -1.90 11.88 29.65
N LYS A 175 -1.11 10.89 29.22
CA LYS A 175 -0.44 10.99 27.93
C LYS A 175 -1.46 11.10 26.80
N ALA A 176 -2.55 10.33 26.88
CA ALA A 176 -3.52 10.33 25.79
C ALA A 176 -4.16 11.70 25.60
N ILE A 177 -4.18 12.53 26.65
CA ILE A 177 -4.72 13.88 26.50
C ILE A 177 -3.90 14.68 25.50
N ASN A 178 -2.64 14.31 25.28
CA ASN A 178 -1.80 15.04 24.34
C ASN A 178 -2.30 14.95 22.91
N THR A 179 -3.23 14.03 22.63
CA THR A 179 -3.83 13.97 21.30
C THR A 179 -4.72 15.17 21.02
N ALA A 180 -5.18 15.87 22.06
CA ALA A 180 -5.89 17.13 21.86
C ALA A 180 -4.99 18.15 21.17
N PHE A 181 -3.70 18.14 21.50
CA PHE A 181 -2.75 19.07 20.93
C PHE A 181 -2.23 18.61 19.57
N VAL A 182 -2.71 17.46 19.08
CA VAL A 182 -2.57 17.08 17.68
C VAL A 182 -3.92 17.16 16.96
N LEU A 183 -4.99 16.78 17.65
CA LEU A 183 -6.34 16.91 17.07
C LEU A 183 -6.68 18.38 16.80
N ASN A 184 -6.14 19.31 17.58
CA ASN A 184 -6.49 20.71 17.40
C ASN A 184 -6.13 21.21 16.00
N TRP A 185 -5.23 20.52 15.29
CA TRP A 185 -4.97 20.87 13.90
C TRP A 185 -6.25 20.87 13.08
N PHE A 186 -7.14 19.92 13.36
CA PHE A 186 -8.40 19.80 12.62
C PHE A 186 -9.50 20.66 13.22
N THR A 187 -9.62 20.70 14.55
CA THR A 187 -10.66 21.47 15.19
C THR A 187 -10.17 21.98 16.54
N PRO A 188 -10.30 23.28 16.84
CA PRO A 188 -9.94 23.76 18.17
C PRO A 188 -11.04 23.58 19.20
N TYR A 189 -12.23 23.14 18.78
CA TYR A 189 -13.38 23.01 19.68
C TYR A 189 -13.36 21.65 20.37
N ILE A 190 -12.32 21.45 21.17
CA ILE A 190 -12.04 20.17 21.79
C ILE A 190 -12.54 20.19 23.24
N THR A 191 -13.29 19.17 23.62
CA THR A 191 -13.65 18.91 25.01
C THR A 191 -12.99 17.62 25.42
N VAL A 192 -12.15 17.67 26.45
CA VAL A 192 -11.40 16.50 26.91
C VAL A 192 -12.21 15.79 27.98
N LEU A 193 -12.50 14.52 27.75
CA LEU A 193 -13.20 13.75 28.73
C LEU A 193 -12.27 12.66 29.24
N THR A 194 -11.94 12.68 30.52
CA THR A 194 -11.13 11.63 31.08
C THR A 194 -11.90 10.44 31.73
N LEU A 195 -13.25 10.43 31.75
CA LEU A 195 -14.06 9.35 32.35
C LEU A 195 -13.79 9.05 33.83
N GLY A 196 -13.28 10.00 34.63
CA GLY A 196 -12.97 9.68 35.99
C GLY A 196 -12.05 8.48 36.14
N ALA A 197 -11.00 8.37 35.34
CA ALA A 197 -10.10 7.22 35.44
C ALA A 197 -8.69 7.47 36.00
N TYR A 198 -8.10 8.63 35.75
CA TYR A 198 -6.78 8.92 36.28
C TYR A 198 -6.70 10.38 36.69
N PRO A 199 -5.99 10.66 37.78
CA PRO A 199 -5.86 12.08 38.14
C PRO A 199 -4.95 12.79 37.15
N VAL A 200 -5.32 14.03 36.82
CA VAL A 200 -4.59 14.83 35.84
C VAL A 200 -3.61 15.74 36.55
N GLY A 201 -2.38 15.80 36.04
CA GLY A 201 -1.39 16.66 36.65
C GLY A 201 -1.66 18.12 36.35
N ASP A 202 -1.26 18.98 37.30
CA ASP A 202 -1.49 20.40 37.15
C ASP A 202 -0.83 20.95 35.89
N GLU A 203 0.33 20.42 35.52
CA GLU A 203 0.98 20.82 34.27
C GLU A 203 0.02 20.70 33.10
N MET A 204 -0.60 19.53 32.95
CA MET A 204 -1.54 19.33 31.85
C MET A 204 -2.82 20.12 32.07
N ARG A 205 -3.29 20.20 33.32
CA ARG A 205 -4.48 21.01 33.63
C ARG A 205 -4.27 22.47 33.22
N ALA A 206 -3.06 23.00 33.47
CA ALA A 206 -2.76 24.36 33.05
C ALA A 206 -2.68 24.47 31.53
N LYS A 207 -2.20 23.41 30.86
CA LYS A 207 -2.07 23.45 29.41
C LYS A 207 -3.43 23.42 28.74
N LEU A 208 -4.35 22.58 29.21
CA LEU A 208 -5.70 22.56 28.65
C LEU A 208 -6.40 23.90 28.86
N ALA A 209 -6.22 24.51 30.03
CA ALA A 209 -6.84 25.81 30.27
C ALA A 209 -6.25 26.88 29.37
N ASP A 210 -4.92 26.88 29.21
CA ASP A 210 -4.29 27.85 28.31
C ASP A 210 -4.85 27.73 26.90
N HIS A 211 -5.14 26.50 26.45
CA HIS A 211 -5.69 26.30 25.11
C HIS A 211 -7.20 26.49 25.06
N GLY A 212 -7.88 26.51 26.20
CA GLY A 212 -9.31 26.70 26.20
C GLY A 212 -10.12 25.44 25.98
N TYR A 213 -9.53 24.26 26.22
CA TYR A 213 -10.23 23.00 26.05
C TYR A 213 -10.87 22.60 27.37
N PRO A 214 -12.20 22.56 27.49
CA PRO A 214 -12.81 22.14 28.75
C PRO A 214 -12.37 20.73 29.14
N LEU A 215 -12.22 20.51 30.44
CA LEU A 215 -11.85 19.22 31.00
C LEU A 215 -12.98 18.73 31.89
N ILE A 216 -13.63 17.65 31.46
CA ILE A 216 -14.76 17.06 32.19
C ILE A 216 -14.33 15.69 32.67
N GLU A 217 -14.32 15.51 33.99
CA GLU A 217 -13.84 14.28 34.63
C GLU A 217 -14.98 13.42 35.16
N LYS A 218 -16.18 13.55 34.56
CA LYS A 218 -17.29 12.68 34.94
C LYS A 218 -17.24 11.38 34.16
N PRO A 219 -17.76 10.28 34.72
CA PRO A 219 -17.95 9.08 33.91
C PRO A 219 -19.05 9.31 32.89
N ILE A 220 -19.07 8.44 31.87
CA ILE A 220 -20.06 8.54 30.80
C ILE A 220 -21.18 7.55 31.09
N ALA A 221 -22.38 7.91 30.65
CA ALA A 221 -23.56 7.07 30.82
C ALA A 221 -24.23 6.71 29.50
N ARG A 222 -24.27 7.63 28.53
CA ARG A 222 -25.00 7.38 27.29
C ARG A 222 -24.47 8.30 26.19
N PHE A 223 -24.39 7.77 24.98
CA PHE A 223 -24.09 8.55 23.79
C PHE A 223 -25.39 8.90 23.09
N LEU A 224 -25.60 10.18 22.77
CA LEU A 224 -26.84 10.60 22.15
C LEU A 224 -26.73 10.79 20.64
N GLY A 225 -27.56 10.11 19.86
CA GLY A 225 -27.51 10.22 18.43
C GLY A 225 -28.76 9.68 17.76
N LYS A 226 -28.89 9.95 16.47
CA LYS A 226 -30.01 9.42 15.70
C LYS A 226 -29.45 8.89 14.39
N ASP A 227 -29.88 7.70 13.97
CA ASP A 227 -29.40 7.12 12.71
C ASP A 227 -27.89 7.07 12.54
N HIS A 228 -27.17 6.60 13.56
CA HIS A 228 -25.71 6.42 13.59
C HIS A 228 -24.90 7.71 13.57
N VAL A 229 -25.55 8.85 13.80
CA VAL A 229 -24.84 10.12 13.83
C VAL A 229 -24.96 10.66 15.24
N MET A 230 -23.87 10.62 16.01
CA MET A 230 -23.90 11.07 17.37
C MET A 230 -23.99 12.60 17.48
N ASP A 231 -24.89 13.08 18.34
CA ASP A 231 -24.99 14.50 18.61
C ASP A 231 -24.74 14.96 20.07
N GLY A 232 -24.40 14.09 21.01
CA GLY A 232 -24.17 14.54 22.36
C GLY A 232 -23.62 13.43 23.21
N ILE A 233 -23.20 13.77 24.41
CA ILE A 233 -22.74 12.80 25.40
C ILE A 233 -23.45 13.11 26.72
N GLU A 234 -24.04 12.08 27.32
CA GLU A 234 -24.72 12.20 28.60
C GLU A 234 -23.89 11.52 29.68
N PHE A 235 -23.71 12.20 30.81
CA PHE A 235 -22.89 11.74 31.90
C PHE A 235 -23.75 11.08 32.97
N ALA A 236 -23.09 10.55 34.01
CA ALA A 236 -23.78 9.76 35.03
C ALA A 236 -24.82 10.60 35.77
N ASP A 237 -24.53 11.87 36.03
CA ASP A 237 -25.41 12.72 36.83
C ASP A 237 -26.59 13.26 36.04
N GLY A 238 -26.76 12.88 34.77
CA GLY A 238 -27.88 13.29 33.98
C GLY A 238 -27.61 14.46 33.06
N THR A 239 -26.56 15.24 33.34
CA THR A 239 -26.20 16.35 32.46
C THR A 239 -25.58 15.81 31.17
N SER A 240 -25.35 16.71 30.22
CA SER A 240 -24.86 16.31 28.91
C SER A 240 -24.18 17.48 28.23
N ILE A 241 -23.44 17.17 27.16
CA ILE A 241 -22.80 18.16 26.31
C ILE A 241 -23.17 17.84 24.87
N LYS A 242 -23.09 18.87 24.03
CA LYS A 242 -23.41 18.75 22.61
C LYS A 242 -22.10 18.65 21.84
N VAL A 243 -21.91 17.57 21.09
CA VAL A 243 -20.73 17.39 20.27
C VAL A 243 -21.15 16.81 18.93
N ASP A 244 -20.55 17.32 17.85
CA ASP A 244 -20.82 16.83 16.51
C ASP A 244 -19.96 15.64 16.13
N THR A 245 -18.90 15.35 16.89
CA THR A 245 -17.98 14.28 16.58
C THR A 245 -17.18 13.96 17.83
N GLY A 246 -16.38 12.90 17.74
CA GLY A 246 -15.52 12.54 18.87
C GLY A 246 -14.39 11.65 18.42
N LEU A 247 -13.38 11.56 19.29
CA LEU A 247 -12.19 10.75 19.02
C LEU A 247 -11.84 9.97 20.28
N ILE A 248 -11.78 8.64 20.15
CA ILE A 248 -11.40 7.78 21.26
C ILE A 248 -9.89 7.55 21.18
N SER A 249 -9.19 7.89 22.27
CA SER A 249 -7.75 7.70 22.36
C SER A 249 -7.45 6.98 23.68
N MET A 250 -7.98 5.77 23.76
CA MET A 250 -7.82 4.90 24.93
C MET A 250 -6.79 3.75 24.81
N GLY A 251 -5.87 3.78 23.85
CA GLY A 251 -4.91 2.71 23.71
C GLY A 251 -5.42 1.62 22.80
N SER A 252 -4.58 0.63 22.56
CA SER A 252 -4.95 -0.46 21.69
C SER A 252 -4.61 -1.80 22.31
N ILE A 253 -5.36 -2.82 21.93
CA ILE A 253 -5.10 -4.15 22.43
C ILE A 253 -4.34 -4.87 21.34
N ARG A 254 -3.24 -5.54 21.68
CA ARG A 254 -2.45 -6.22 20.67
C ARG A 254 -2.87 -7.67 20.57
N HIS A 255 -3.07 -8.14 19.34
CA HIS A 255 -3.43 -9.54 19.13
C HIS A 255 -2.12 -10.29 18.90
N ASP A 256 -1.26 -10.35 19.92
CA ASP A 256 0.05 -10.96 19.84
C ASP A 256 0.24 -12.07 20.88
N GLY A 257 -0.84 -12.77 21.22
CA GLY A 257 -0.75 -13.88 22.16
C GLY A 257 0.13 -15.00 21.66
N TYR A 258 -0.18 -15.51 20.46
CA TYR A 258 0.56 -16.63 19.90
C TYR A 258 2.05 -16.34 19.73
N LEU A 259 2.47 -15.09 19.83
CA LEU A 259 3.89 -14.76 19.71
C LEU A 259 4.55 -14.76 21.08
N LEU A 262 6.68 -17.52 21.79
CA LEU A 262 7.85 -17.23 20.96
C LEU A 262 8.85 -16.40 21.75
N ASP A 263 8.40 -15.26 22.26
CA ASP A 263 9.26 -14.35 23.03
C ASP A 263 10.27 -13.69 22.11
N LEU A 264 11.29 -13.05 22.69
CA LEU A 264 12.20 -12.22 21.91
C LEU A 264 11.41 -11.23 21.07
N LEU A 265 11.82 -10.98 19.83
CA LEU A 265 11.14 -10.01 18.98
C LEU A 265 11.15 -8.65 19.66
N THR A 266 12.21 -7.91 19.39
CA THR A 266 12.45 -6.60 19.98
C THR A 266 11.31 -5.67 19.64
N ASP A 267 10.93 -4.82 20.59
CA ASP A 267 9.83 -3.91 20.40
C ASP A 267 9.90 -2.72 21.34
N GLY A 268 9.17 -1.66 21.01
CA GLY A 268 9.04 -0.51 21.89
C GLY A 268 7.54 -0.31 21.91
N GLY A 269 6.84 -1.33 22.40
CA GLY A 269 5.39 -1.40 22.37
C GLY A 269 4.82 -2.13 21.13
N ASP A 270 5.57 -2.11 20.05
CA ASP A 270 5.24 -2.76 18.80
C ASP A 270 6.50 -3.48 18.30
N ILE A 271 6.34 -4.55 17.55
CA ILE A 271 7.49 -5.33 17.06
C ILE A 271 8.35 -4.49 16.10
N VAL A 272 9.68 -4.58 16.22
CA VAL A 272 10.58 -3.84 15.35
C VAL A 272 10.83 -4.69 14.09
N THR A 273 10.75 -4.09 12.90
CA THR A 273 10.98 -4.81 11.67
C THR A 273 11.86 -4.04 10.70
N GLU A 274 12.52 -4.77 9.80
CA GLU A 274 13.36 -4.19 8.76
C GLU A 274 12.49 -3.78 7.57
N TYR A 275 13.06 -3.08 6.59
CA TYR A 275 12.27 -2.70 5.44
C TYR A 275 11.59 -3.91 4.81
N ASP A 276 12.14 -5.11 5.01
CA ASP A 276 11.52 -6.34 4.54
C ASP A 276 10.27 -6.72 5.35
N CYS A 277 9.98 -5.99 6.43
CA CYS A 277 9.03 -6.39 7.46
C CYS A 277 9.53 -7.60 8.22
N ARG A 278 10.81 -7.94 8.08
CA ARG A 278 11.38 -9.06 8.81
C ARG A 278 11.65 -8.63 10.25
N THR A 279 11.14 -9.41 11.19
CA THR A 279 11.30 -9.12 12.61
C THR A 279 12.70 -9.57 13.05
N SER A 280 12.90 -9.56 14.35
CA SER A 280 14.16 -10.01 14.91
C SER A 280 14.36 -11.49 14.56
N HIS A 281 13.32 -12.32 14.65
CA HIS A 281 13.46 -13.69 14.24
C HIS A 281 13.57 -13.69 12.72
N PRO A 282 14.56 -14.41 12.17
CA PRO A 282 14.68 -14.45 10.72
C PRO A 282 13.47 -15.01 9.95
N ARG A 283 12.77 -16.02 10.49
CA ARG A 283 11.65 -16.62 9.79
C ARG A 283 10.24 -16.04 10.02
N VAL A 284 10.09 -14.96 10.78
CA VAL A 284 8.75 -14.41 10.98
C VAL A 284 8.76 -12.94 10.60
N PHE A 285 7.69 -12.51 9.93
CA PHE A 285 7.52 -11.14 9.48
C PHE A 285 6.29 -10.54 10.14
N ALA A 286 6.35 -9.25 10.46
CA ALA A 286 5.25 -8.54 11.10
C ALA A 286 4.70 -7.49 10.15
N LEU A 287 3.36 -7.42 10.07
CA LEU A 287 2.69 -6.57 9.11
C LEU A 287 1.78 -5.56 9.80
N GLY A 288 1.61 -4.41 9.16
CA GLY A 288 0.52 -3.50 9.50
C GLY A 288 0.61 -2.96 10.91
N ASP A 289 -0.47 -3.14 11.67
CA ASP A 289 -0.59 -2.49 12.97
C ASP A 289 0.32 -3.11 14.03
N LEU A 290 0.76 -4.36 13.82
CA LEU A 290 1.62 -5.01 14.82
C LEU A 290 3.03 -4.45 14.82
N LYS A 291 3.47 -3.83 13.73
CA LYS A 291 4.85 -3.37 13.61
C LYS A 291 4.93 -1.87 13.90
N LYS A 292 6.15 -1.43 14.21
CA LYS A 292 6.39 -0.01 14.47
C LYS A 292 6.20 0.78 13.17
N GLY A 293 5.31 1.76 13.20
CA GLY A 293 5.03 2.57 12.04
C GLY A 293 3.58 2.96 11.95
N LEU A 294 3.20 3.66 10.88
CA LEU A 294 1.81 4.06 10.69
C LEU A 294 0.90 2.86 10.73
N ASN A 295 -0.30 3.07 11.27
CA ASN A 295 -1.33 2.04 11.35
C ASN A 295 -2.42 2.43 10.35
N GLN A 296 -2.16 2.13 9.08
CA GLN A 296 -3.08 2.41 7.99
C GLN A 296 -3.23 1.16 7.13
N VAL A 297 -4.27 1.15 6.32
CA VAL A 297 -4.48 0.03 5.40
C VAL A 297 -3.43 0.06 4.30
N SER A 298 -3.10 1.25 3.80
CA SER A 298 -2.14 1.37 2.72
C SER A 298 -0.80 0.76 3.12
N ILE A 299 -0.32 1.07 4.32
CA ILE A 299 1.00 0.59 4.74
C ILE A 299 0.92 -0.89 5.09
N ALA A 300 -0.24 -1.36 5.56
CA ALA A 300 -0.40 -2.77 5.86
C ALA A 300 -0.40 -3.61 4.58
N VAL A 301 -1.15 -3.17 3.57
CA VAL A 301 -1.14 -3.86 2.28
C VAL A 301 0.27 -3.92 1.72
N ALA A 302 0.98 -2.78 1.75
CA ALA A 302 2.36 -2.75 1.26
C ALA A 302 3.25 -3.67 2.08
N ASP A 303 3.03 -3.75 3.39
CA ASP A 303 3.82 -4.63 4.23
C ASP A 303 3.71 -6.08 3.74
N GLY A 304 2.49 -6.53 3.43
CA GLY A 304 2.32 -7.87 2.92
C GLY A 304 3.08 -8.11 1.63
N THR A 305 3.09 -7.10 0.74
CA THR A 305 3.88 -7.19 -0.47
C THR A 305 5.36 -7.35 -0.15
N LEU A 306 5.86 -6.58 0.81
CA LEU A 306 7.28 -6.66 1.19
C LEU A 306 7.61 -8.03 1.77
N ALA A 307 6.81 -8.49 2.73
CA ALA A 307 7.10 -9.76 3.39
C ALA A 307 7.04 -10.91 2.39
N ALA A 308 5.98 -10.98 1.59
CA ALA A 308 5.84 -12.08 0.65
C ALA A 308 7.02 -12.15 -0.30
N THR A 309 7.51 -10.99 -0.76
CA THR A 309 8.63 -10.97 -1.69
C THR A 309 9.92 -11.41 -1.01
N ALA A 310 10.17 -10.94 0.21
CA ALA A 310 11.36 -11.36 0.93
C ALA A 310 11.37 -12.86 1.16
N ILE A 311 10.20 -13.43 1.46
CA ILE A 311 10.08 -14.88 1.63
C ILE A 311 10.31 -15.59 0.30
N TRP A 312 9.67 -15.11 -0.76
CA TRP A 312 9.83 -15.72 -2.07
C TRP A 312 11.29 -15.70 -2.51
N LYS A 313 11.98 -14.59 -2.27
CA LYS A 313 13.39 -14.50 -2.66
C LYS A 313 14.22 -15.54 -1.92
N GLU A 314 13.96 -15.75 -0.63
CA GLU A 314 14.75 -16.69 0.14
C GLU A 314 14.51 -18.13 -0.32
N ILE A 315 13.25 -18.50 -0.56
CA ILE A 315 12.96 -19.85 -1.03
C ILE A 315 13.47 -20.03 -2.46
N ARG A 316 13.14 -19.08 -3.34
CA ARG A 316 13.58 -19.15 -4.72
C ARG A 316 15.09 -19.33 -4.80
N ARG A 317 15.84 -18.50 -4.07
CA ARG A 317 17.30 -18.56 -4.10
C ARG A 317 17.84 -19.85 -3.49
N ALA A 318 17.00 -20.63 -2.80
CA ALA A 318 17.41 -21.92 -2.25
C ALA A 318 16.86 -23.10 -3.04
N SER A 319 15.99 -22.87 -4.01
CA SER A 319 15.41 -23.95 -4.79
C SER A 319 16.29 -24.30 -5.98
N ALA A 320 16.12 -25.52 -6.47
CA ALA A 320 16.88 -25.96 -7.63
C ALA A 320 16.30 -25.32 -8.90
N PRO A 321 17.15 -24.94 -9.86
CA PRO A 321 16.63 -24.32 -11.08
C PRO A 321 15.71 -25.28 -11.83
N ARG A 322 14.59 -24.75 -12.32
CA ARG A 322 13.65 -25.51 -13.12
C ARG A 322 14.12 -25.47 -14.57
N LYS A 323 14.73 -26.56 -15.02
CA LYS A 323 15.24 -26.64 -16.38
C LYS A 323 14.26 -27.27 -17.33
N TRP A 324 14.48 -27.07 -18.62
CA TRP A 324 13.61 -27.66 -19.64
C TRP A 324 14.18 -29.03 -19.97
N THR A 325 13.75 -30.04 -19.23
CA THR A 325 14.24 -31.41 -19.42
C THR A 325 13.72 -32.07 -20.68
N ALA A 326 14.38 -33.15 -21.07
CA ALA A 326 14.01 -33.89 -22.27
C ALA A 326 12.62 -34.50 -22.12
N PRO A 327 11.84 -34.46 -23.22
CA PRO A 327 10.47 -34.99 -23.28
C PRO A 327 10.43 -36.45 -23.68
N SER B 2 -10.78 22.04 -4.58
CA SER B 2 -11.07 20.77 -5.24
C SER B 2 -11.58 21.01 -6.64
N HIS B 3 -10.75 21.66 -7.47
CA HIS B 3 -11.12 21.96 -8.83
C HIS B 3 -9.97 21.70 -9.80
N MET B 4 -10.30 21.43 -11.06
CA MET B 4 -9.29 21.19 -12.08
C MET B 4 -8.95 22.52 -12.72
N ILE B 5 -7.65 22.80 -12.84
CA ILE B 5 -7.17 24.04 -13.40
C ILE B 5 -7.29 24.20 -14.91
N LEU B 6 -8.02 25.22 -15.34
CA LEU B 6 -8.20 25.55 -16.74
C LEU B 6 -7.41 26.82 -17.06
N LYS B 7 -7.86 27.57 -18.08
CA LYS B 7 -7.11 28.74 -18.53
C LYS B 7 -7.21 29.88 -17.51
N ARG B 8 -8.38 30.04 -16.89
CA ARG B 8 -8.62 31.21 -16.06
C ARG B 8 -7.74 31.21 -14.82
N HIS B 10 -7.57 30.05 -14.19
CA HIS B 10 -7.04 29.96 -12.83
C HIS B 10 -5.52 30.05 -12.76
N PHE B 11 -4.81 30.11 -13.89
CA PHE B 11 -3.35 30.06 -13.84
C PHE B 11 -2.79 31.25 -13.05
N ASP B 12 -3.28 32.46 -13.33
CA ASP B 12 -2.73 33.64 -12.68
C ASP B 12 -2.98 33.62 -11.17
N GLU B 13 -4.18 33.20 -10.76
CA GLU B 13 -4.47 33.14 -9.33
C GLU B 13 -3.63 32.07 -8.65
N LYS B 14 -3.66 30.84 -9.15
CA LYS B 14 -2.97 29.74 -8.48
C LYS B 14 -1.45 29.90 -8.56
N GLN B 15 -0.94 30.56 -9.60
CA GLN B 15 0.50 30.81 -9.66
C GLN B 15 0.94 31.71 -8.52
N ALA B 16 0.10 32.67 -8.14
CA ALA B 16 0.41 33.53 -7.01
C ALA B 16 0.35 32.77 -5.69
N GLN B 17 -0.60 31.84 -5.57
CA GLN B 17 -0.77 31.08 -4.36
C GLN B 17 0.46 30.20 -4.09
N LEU B 18 0.86 30.13 -2.82
CA LEU B 18 1.89 29.21 -2.39
C LEU B 18 1.20 27.93 -1.91
N TYR B 19 1.43 26.83 -2.62
CA TYR B 19 0.94 25.54 -2.15
C TYR B 19 1.80 25.04 -1.01
N ASP B 20 1.23 24.11 -0.22
CA ASP B 20 2.02 23.43 0.79
C ASP B 20 2.96 22.41 0.13
N VAL B 21 2.46 21.67 -0.85
CA VAL B 21 3.26 20.69 -1.59
C VAL B 21 2.72 20.61 -3.01
N ILE B 22 3.63 20.37 -3.95
CA ILE B 22 3.28 20.01 -5.31
C ILE B 22 3.73 18.57 -5.55
N ILE B 23 2.86 17.80 -6.19
CA ILE B 23 3.15 16.41 -6.52
C ILE B 23 3.32 16.31 -8.02
N ALA B 24 4.51 15.89 -8.45
CA ALA B 24 4.80 15.66 -9.85
C ALA B 24 4.37 14.24 -10.22
N GLY B 25 3.38 14.12 -11.08
CA GLY B 25 2.88 12.83 -11.49
C GLY B 25 1.65 12.40 -10.72
N GLY B 26 0.58 12.08 -11.43
CA GLY B 26 -0.66 11.67 -10.82
C GLY B 26 -0.94 10.19 -10.99
N GLY B 27 0.00 9.35 -10.57
CA GLY B 27 -0.15 7.91 -10.65
C GLY B 27 -0.52 7.30 -9.32
N ALA B 28 -0.13 6.05 -9.13
CA ALA B 28 -0.48 5.32 -7.91
C ALA B 28 0.06 6.05 -6.67
N GLY B 29 1.36 6.30 -6.63
CA GLY B 29 1.94 6.91 -5.45
C GLY B 29 1.55 8.37 -5.29
N GLY B 30 1.55 9.12 -6.38
CA GLY B 30 1.20 10.53 -6.28
C GLY B 30 -0.24 10.74 -5.84
N LEU B 31 -1.16 9.95 -6.38
CA LEU B 31 -2.56 10.11 -6.00
C LEU B 31 -2.78 9.75 -4.54
N SER B 32 -2.14 8.68 -4.06
CA SER B 32 -2.24 8.35 -2.65
C SER B 32 -1.75 9.50 -1.78
N ALA B 33 -0.60 10.07 -2.12
CA ALA B 33 -0.10 11.22 -1.37
C ALA B 33 -1.05 12.41 -1.47
N ALA B 34 -1.76 12.54 -2.59
CA ALA B 34 -2.67 13.67 -2.75
C ALA B 34 -3.86 13.57 -1.80
N VAL B 35 -4.47 12.39 -1.70
CA VAL B 35 -5.65 12.25 -0.86
C VAL B 35 -5.29 12.43 0.60
N TYR B 36 -4.10 11.97 1.01
CA TYR B 36 -3.70 12.13 2.40
C TYR B 36 -3.43 13.59 2.73
N LEU B 37 -2.71 14.29 1.85
CA LEU B 37 -2.43 15.71 2.08
C LEU B 37 -3.71 16.52 2.06
N ALA B 38 -4.56 16.29 1.07
CA ALA B 38 -5.85 16.97 1.04
C ALA B 38 -6.65 16.67 2.30
N ARG B 39 -6.58 15.43 2.79
CA ARG B 39 -7.27 15.06 4.01
C ARG B 39 -6.57 15.56 5.27
N TYR B 40 -5.33 16.03 5.16
CA TYR B 40 -4.69 16.77 6.24
C TYR B 40 -5.01 18.25 6.19
N ASN B 41 -5.96 18.66 5.35
CA ASN B 41 -6.32 20.06 5.19
C ASN B 41 -5.09 20.88 4.81
N LEU B 42 -4.31 20.36 3.86
CA LEU B 42 -3.15 21.05 3.30
C LEU B 42 -3.41 21.32 1.83
N LYS B 43 -2.76 22.37 1.32
CA LYS B 43 -2.91 22.77 -0.07
C LYS B 43 -1.93 21.99 -0.94
N VAL B 44 -2.45 21.22 -1.89
CA VAL B 44 -1.63 20.32 -2.71
C VAL B 44 -2.10 20.41 -4.15
N LEU B 45 -1.13 20.39 -5.07
CA LEU B 45 -1.41 20.41 -6.51
C LEU B 45 -0.75 19.20 -7.17
N VAL B 46 -1.54 18.43 -7.91
CA VAL B 46 -1.05 17.29 -8.66
C VAL B 46 -1.01 17.66 -10.14
N ILE B 47 0.10 17.32 -10.80
CA ILE B 47 0.30 17.63 -12.21
C ILE B 47 0.57 16.32 -12.93
N GLU B 48 -0.33 15.94 -13.84
CA GLU B 48 -0.29 14.66 -14.52
C GLU B 48 -0.26 14.89 -16.03
N LYS B 49 0.75 14.33 -16.68
CA LYS B 49 0.86 14.37 -18.13
C LYS B 49 -0.16 13.48 -18.87
N GLY B 50 -0.40 12.28 -18.34
CA GLY B 50 -1.26 11.30 -18.95
C GLY B 50 -0.48 10.19 -19.63
N ARG B 51 -1.21 9.12 -19.97
CA ARG B 51 -0.63 7.95 -20.64
C ARG B 51 0.64 7.48 -19.93
N GLY B 52 0.52 7.28 -18.62
CA GLY B 52 1.64 6.81 -17.82
C GLY B 52 1.73 5.30 -17.79
N ARG B 53 2.76 4.81 -17.09
CA ARG B 53 2.99 3.36 -17.01
C ARG B 53 1.76 2.65 -16.47
N SER B 54 1.22 3.15 -15.36
CA SER B 54 0.03 2.52 -14.78
C SER B 54 -1.16 2.56 -15.74
N PHE B 55 -1.23 3.57 -16.61
CA PHE B 55 -2.32 3.65 -17.57
C PHE B 55 -2.32 2.45 -18.50
N TRP B 56 -1.14 1.96 -18.88
CA TRP B 56 -1.02 0.85 -19.80
C TRP B 56 -1.17 -0.51 -19.13
N MET B 57 -1.19 -0.54 -17.79
CA MET B 57 -1.43 -1.79 -17.08
C MET B 57 -2.87 -2.22 -17.29
N GLN B 58 -3.07 -3.36 -17.93
CA GLN B 58 -4.42 -3.83 -18.24
C GLN B 58 -5.12 -4.41 -17.02
N ASP B 59 -4.42 -5.21 -16.23
CA ASP B 59 -5.01 -5.88 -15.08
C ASP B 59 -4.10 -5.75 -13.88
N LEU B 60 -4.63 -5.16 -12.80
CA LEU B 60 -3.92 -5.07 -11.52
C LEU B 60 -4.32 -6.29 -10.70
N TRP B 61 -3.42 -7.27 -10.62
CA TRP B 61 -3.78 -8.59 -10.09
C TRP B 61 -3.71 -8.63 -8.56
N ASN B 62 -2.74 -7.95 -7.96
CA ASN B 62 -2.36 -8.20 -6.57
C ASN B 62 -2.55 -6.98 -5.68
N TYR B 63 -3.54 -6.13 -5.97
CA TYR B 63 -3.85 -4.97 -5.15
C TYR B 63 -5.26 -5.14 -4.59
N VAL B 64 -5.36 -5.59 -3.35
CA VAL B 64 -6.66 -5.86 -2.71
C VAL B 64 -7.42 -4.54 -2.60
N PRO B 65 -8.77 -4.57 -2.52
CA PRO B 65 -9.65 -5.73 -2.51
C PRO B 65 -10.22 -6.11 -3.88
N ARG B 66 -10.00 -5.28 -4.89
CA ARG B 66 -10.63 -5.45 -6.18
C ARG B 66 -9.58 -5.45 -7.29
N VAL B 67 -9.82 -6.27 -8.31
CA VAL B 67 -8.99 -6.29 -9.50
C VAL B 67 -9.52 -5.22 -10.44
N VAL B 68 -8.71 -4.20 -10.70
CA VAL B 68 -9.09 -3.07 -11.55
C VAL B 68 -8.03 -2.92 -12.62
N SER B 69 -8.40 -2.21 -13.69
CA SER B 69 -7.41 -1.84 -14.69
C SER B 69 -6.66 -0.61 -14.22
N GLY B 70 -5.50 -0.38 -14.83
CA GLY B 70 -4.72 0.80 -14.49
C GLY B 70 -5.49 2.09 -14.71
N LYS B 71 -6.29 2.13 -15.78
CA LYS B 71 -7.14 3.29 -16.02
C LYS B 71 -8.15 3.48 -14.89
N GLU B 72 -8.77 2.40 -14.43
CA GLU B 72 -9.70 2.48 -13.32
C GLU B 72 -8.99 2.97 -12.06
N LEU B 73 -7.75 2.53 -11.86
CA LEU B 73 -7.00 2.94 -10.67
C LEU B 73 -6.79 4.46 -10.66
N ILE B 74 -6.29 5.01 -11.76
CA ILE B 74 -6.02 6.45 -11.83
C ILE B 74 -7.32 7.23 -11.75
N GLU B 75 -8.36 6.78 -12.45
CA GLU B 75 -9.62 7.51 -12.46
C GLU B 75 -10.21 7.61 -11.07
N GLY B 76 -10.22 6.50 -10.32
CA GLY B 76 -10.78 6.53 -8.98
C GLY B 76 -9.95 7.38 -8.01
N GLY B 77 -8.64 7.19 -8.02
CA GLY B 77 -7.79 7.96 -7.12
C GLY B 77 -7.81 9.44 -7.42
N LYS B 78 -7.87 9.80 -8.71
CA LYS B 78 -7.98 11.21 -9.08
C LYS B 78 -9.26 11.81 -8.53
N GLU B 79 -10.39 11.15 -8.77
CA GLU B 79 -11.67 11.63 -8.24
C GLU B 79 -11.59 11.83 -6.74
N MET B 80 -11.02 10.85 -6.02
CA MET B 80 -10.93 10.95 -4.57
C MET B 80 -10.14 12.17 -4.15
N ALA B 81 -8.95 12.37 -4.75
CA ALA B 81 -8.12 13.50 -4.37
C ALA B 81 -8.86 14.82 -4.60
N LEU B 82 -9.55 14.96 -5.73
CA LEU B 82 -10.33 16.16 -5.98
C LEU B 82 -11.42 16.35 -4.93
N HIS B 83 -12.12 15.27 -4.59
CA HIS B 83 -13.20 15.36 -3.61
C HIS B 83 -12.70 15.94 -2.30
N TYR B 84 -11.48 15.58 -1.89
CA TYR B 84 -10.94 15.98 -0.60
C TYR B 84 -10.23 17.33 -0.63
N GLY B 85 -10.16 17.98 -1.79
CA GLY B 85 -9.64 19.33 -1.89
C GLY B 85 -8.34 19.49 -2.64
N ALA B 86 -7.84 18.46 -3.31
CA ALA B 86 -6.62 18.58 -4.08
C ALA B 86 -6.90 19.24 -5.43
N ASP B 87 -5.91 19.97 -5.93
CA ASP B 87 -5.97 20.58 -7.25
C ASP B 87 -5.26 19.71 -8.27
N TRP B 88 -5.87 19.54 -9.43
CA TRP B 88 -5.36 18.68 -10.49
C TRP B 88 -5.14 19.51 -11.74
N LEU B 89 -3.98 19.33 -12.38
CA LEU B 89 -3.65 20.05 -13.61
C LEU B 89 -3.23 19.05 -14.68
N ASN B 90 -3.78 19.20 -15.87
CA ASN B 90 -3.41 18.38 -17.02
C ASN B 90 -2.26 19.07 -17.75
N GLY B 91 -1.03 18.70 -17.38
CA GLY B 91 0.13 19.31 -17.96
C GLY B 91 1.35 18.45 -17.76
N PHE B 92 2.47 18.93 -18.30
CA PHE B 92 3.75 18.25 -18.23
C PHE B 92 4.72 19.12 -17.44
N VAL B 93 5.35 18.55 -16.43
CA VAL B 93 6.27 19.29 -15.58
C VAL B 93 7.61 19.35 -16.30
N GLU B 94 8.09 20.56 -16.56
CA GLU B 94 9.31 20.79 -17.32
C GLU B 94 10.55 20.98 -16.44
N ALA B 95 10.49 21.87 -15.46
CA ALA B 95 11.67 22.19 -14.66
C ALA B 95 11.25 22.61 -13.26
N VAL B 96 12.20 22.56 -12.34
CA VAL B 96 11.99 22.92 -10.94
C VAL B 96 13.18 23.71 -10.44
N THR B 97 12.91 24.78 -9.69
CA THR B 97 13.94 25.62 -9.10
C THR B 97 13.70 25.73 -7.60
N ASP B 98 14.75 25.51 -6.81
CA ASP B 98 14.69 25.70 -5.36
C ASP B 98 15.25 27.09 -5.08
N THR B 99 14.38 28.00 -4.63
CA THR B 99 14.79 29.37 -4.34
C THR B 99 15.37 29.51 -2.93
N GLY B 100 15.55 28.40 -2.20
CA GLY B 100 15.99 28.49 -0.83
C GLY B 100 14.85 28.41 0.17
N GLU B 101 13.72 29.04 -0.18
CA GLU B 101 12.54 29.05 0.69
C GLU B 101 11.29 28.49 0.03
N GLU B 102 11.35 28.09 -1.24
CA GLU B 102 10.19 27.54 -1.93
C GLU B 102 10.65 26.94 -3.25
N PHE B 103 9.75 26.19 -3.89
CA PHE B 103 10.00 25.61 -5.20
C PHE B 103 9.10 26.26 -6.23
N GLN B 104 9.61 26.46 -7.43
CA GLN B 104 8.84 26.98 -8.56
C GLN B 104 8.88 25.97 -9.69
N VAL B 105 7.71 25.48 -10.08
CA VAL B 105 7.58 24.34 -11.00
C VAL B 105 6.92 24.85 -12.27
N ARG B 106 7.67 24.88 -13.36
CA ARG B 106 7.13 25.27 -14.66
C ARG B 106 6.46 24.06 -15.31
N VAL B 107 5.31 24.30 -15.93
CA VAL B 107 4.50 23.23 -16.52
C VAL B 107 4.11 23.63 -17.93
N LYS B 108 4.36 22.74 -18.90
CA LYS B 108 3.88 22.93 -20.26
C LYS B 108 2.41 22.53 -20.31
N TYR B 109 1.54 23.50 -20.56
CA TYR B 109 0.10 23.28 -20.63
C TYR B 109 -0.34 23.26 -22.09
N ARG B 110 -1.10 22.23 -22.46
CA ARG B 110 -1.56 22.00 -23.82
C ARG B 110 -0.40 21.52 -24.71
N PHE B 111 -0.72 20.67 -25.69
CA PHE B 111 0.31 20.09 -26.54
C PHE B 111 0.87 21.12 -27.52
N LYS B 112 0.00 21.87 -28.18
CA LYS B 112 0.41 22.85 -29.18
C LYS B 112 -0.06 24.24 -28.75
N ASN B 113 0.74 25.25 -29.08
CA ASN B 113 0.49 26.62 -28.64
C ASN B 113 0.32 26.64 -27.12
N SER B 114 1.33 26.12 -26.44
CA SER B 114 1.22 25.76 -25.03
C SER B 114 1.60 26.92 -24.12
N ASP B 115 0.80 27.10 -23.07
CA ASP B 115 1.14 28.03 -22.01
C ASP B 115 2.16 27.39 -21.09
N TYR B 116 2.97 28.22 -20.43
CA TYR B 116 4.03 27.74 -19.54
C TYR B 116 3.88 28.34 -18.14
N PRO B 117 2.77 28.08 -17.46
CA PRO B 117 2.61 28.55 -16.09
C PRO B 117 3.57 27.85 -15.14
N VAL B 118 4.03 28.59 -14.13
CA VAL B 118 4.96 28.09 -13.12
C VAL B 118 4.31 28.29 -11.76
N PHE B 119 4.17 27.19 -11.02
CA PHE B 119 3.51 27.21 -9.71
C PHE B 119 4.54 27.15 -8.58
N ARG B 120 4.04 27.34 -7.36
CA ARG B 120 4.90 27.47 -6.18
C ARG B 120 4.46 26.49 -5.10
N ALA B 121 5.42 26.05 -4.29
CA ALA B 121 5.11 25.15 -3.18
C ALA B 121 6.29 25.09 -2.23
N LYS B 122 6.00 24.89 -0.94
CA LYS B 122 7.05 24.72 0.05
C LYS B 122 7.70 23.35 -0.06
N TYR B 123 6.94 22.32 -0.41
CA TYR B 123 7.44 20.97 -0.56
C TYR B 123 7.15 20.46 -1.97
N LEU B 124 7.86 19.41 -2.35
CA LEU B 124 7.69 18.77 -3.65
C LEU B 124 7.70 17.26 -3.45
N ILE B 125 6.86 16.56 -4.20
CA ILE B 125 6.85 15.10 -4.20
C ILE B 125 7.06 14.63 -5.64
N ALA B 126 8.18 13.95 -5.87
CA ALA B 126 8.49 13.39 -7.18
C ALA B 126 7.84 12.02 -7.27
N ALA B 127 6.75 11.92 -8.01
CA ALA B 127 6.01 10.67 -8.17
C ALA B 127 5.64 10.49 -9.63
N THR B 128 6.63 10.61 -10.51
CA THR B 128 6.44 10.49 -11.95
C THR B 128 6.83 9.12 -12.49
N GLY B 129 7.35 8.24 -11.64
CA GLY B 129 7.62 6.87 -12.04
C GLY B 129 8.58 6.76 -13.21
N LEU B 130 8.32 5.76 -14.05
CA LEU B 130 9.18 5.46 -15.19
C LEU B 130 8.33 4.79 -16.26
N MET B 131 8.97 4.48 -17.39
CA MET B 131 8.31 3.78 -18.49
C MET B 131 9.19 2.63 -18.95
N ASP B 132 8.58 1.47 -19.16
CA ASP B 132 9.32 0.31 -19.61
C ASP B 132 9.73 0.46 -21.07
N VAL B 133 10.92 -0.03 -21.40
CA VAL B 133 11.39 -0.03 -22.78
C VAL B 133 10.74 -1.18 -23.52
N LEU B 134 10.28 -0.92 -24.73
CA LEU B 134 9.57 -1.90 -25.54
C LEU B 134 10.37 -2.25 -26.79
N PRO B 135 10.16 -3.45 -27.35
CA PRO B 135 10.80 -3.79 -28.62
C PRO B 135 10.35 -2.84 -29.73
N GLN B 136 11.28 -2.52 -30.63
CA GLN B 136 11.06 -1.52 -31.66
C GLN B 136 10.75 -2.22 -32.99
N LEU B 137 9.49 -2.10 -33.44
CA LEU B 137 9.08 -2.56 -34.75
C LEU B 137 8.62 -1.37 -35.58
N GLU B 138 8.68 -1.52 -36.91
CA GLU B 138 8.21 -0.47 -37.78
C GLU B 138 6.75 -0.14 -37.51
N ASN B 139 5.93 -1.15 -37.27
CA ASN B 139 4.52 -0.98 -36.90
C ASN B 139 4.42 -1.19 -35.39
N MET B 140 4.57 -0.10 -34.63
CA MET B 140 4.56 -0.21 -33.18
C MET B 140 3.19 -0.58 -32.62
N GLN B 141 2.12 -0.35 -33.38
CA GLN B 141 0.80 -0.83 -32.95
C GLN B 141 0.75 -2.34 -32.81
N ASN B 142 1.64 -3.05 -33.51
CA ASN B 142 1.72 -4.50 -33.34
C ASN B 142 2.28 -4.87 -31.98
N VAL B 143 3.22 -4.07 -31.45
CA VAL B 143 3.74 -4.30 -30.11
C VAL B 143 2.69 -3.92 -29.07
N TYR B 144 2.12 -2.71 -29.19
CA TYR B 144 1.08 -2.28 -28.28
C TYR B 144 -0.12 -3.22 -28.29
N GLU B 145 -0.33 -3.93 -29.41
CA GLU B 145 -1.44 -4.86 -29.50
C GLU B 145 -1.39 -5.91 -28.39
N TYR B 146 -0.18 -6.28 -27.95
CA TYR B 146 -0.01 -7.35 -26.98
C TYR B 146 0.74 -6.93 -25.72
N ALA B 147 1.50 -5.83 -25.76
CA ALA B 147 2.21 -5.36 -24.59
C ALA B 147 1.22 -4.94 -23.50
N GLY B 148 1.32 -5.57 -22.33
CA GLY B 148 0.42 -5.30 -21.23
C GLY B 148 -0.70 -6.31 -21.08
N TYR B 149 -0.90 -7.19 -22.07
CA TYR B 149 -1.93 -8.22 -21.97
C TYR B 149 -1.31 -9.54 -21.51
N ASN B 150 -0.77 -10.32 -22.46
CA ASN B 150 -0.01 -11.51 -22.12
C ASN B 150 1.46 -11.40 -22.54
N LEU B 151 1.88 -10.26 -23.08
CA LEU B 151 3.29 -9.94 -23.24
C LEU B 151 3.64 -8.98 -22.10
N HIS B 152 4.32 -9.49 -21.08
CA HIS B 152 4.46 -8.79 -19.82
C HIS B 152 5.78 -8.03 -19.74
N VAL B 153 5.84 -7.12 -18.77
CA VAL B 153 7.02 -6.30 -18.54
C VAL B 153 7.55 -6.42 -17.12
N CYS B 154 6.78 -7.00 -16.19
CA CYS B 154 7.15 -7.08 -14.78
CA CYS B 154 7.16 -7.09 -14.79
C CYS B 154 6.92 -8.51 -14.31
N LEU B 155 7.98 -9.16 -13.85
CA LEU B 155 7.88 -10.56 -13.44
C LEU B 155 6.94 -10.74 -12.25
N ILE B 156 7.08 -9.89 -11.23
CA ILE B 156 6.28 -10.04 -10.02
C ILE B 156 4.80 -9.84 -10.33
N CYS B 157 4.50 -8.93 -11.25
CA CYS B 157 3.10 -8.59 -11.53
C CYS B 157 2.38 -9.75 -12.21
N ASP B 158 3.00 -10.34 -13.23
CA ASP B 158 2.32 -11.30 -14.10
C ASP B 158 2.97 -12.68 -14.07
N GLY B 159 3.91 -12.94 -13.17
CA GLY B 159 4.52 -14.25 -13.11
C GLY B 159 3.50 -15.36 -12.92
N TYR B 160 2.46 -15.10 -12.12
CA TYR B 160 1.43 -16.12 -11.88
C TYR B 160 0.80 -16.57 -13.19
N GLU B 161 0.47 -15.62 -14.08
CA GLU B 161 -0.17 -15.98 -15.34
C GLU B 161 0.78 -16.67 -16.30
N MET B 162 2.09 -16.61 -16.05
CA MET B 162 3.07 -17.27 -16.90
C MET B 162 3.42 -18.68 -16.41
N THR B 163 2.74 -19.17 -15.38
CA THR B 163 3.13 -20.43 -14.75
C THR B 163 3.10 -21.58 -15.76
N ASN B 164 4.24 -22.23 -15.94
CA ASN B 164 4.34 -23.45 -16.74
C ASN B 164 3.85 -23.27 -18.17
N ARG B 165 4.02 -22.07 -18.73
CA ARG B 165 3.60 -21.79 -20.09
C ARG B 165 4.83 -21.53 -20.96
N ARG B 166 4.68 -21.84 -22.25
CA ARG B 166 5.72 -21.53 -23.23
C ARG B 166 5.95 -20.03 -23.24
N ALA B 167 7.14 -19.59 -22.81
CA ALA B 167 7.41 -18.18 -22.54
C ALA B 167 8.61 -17.71 -23.33
N ALA B 168 8.51 -16.48 -23.85
CA ALA B 168 9.60 -15.83 -24.55
C ALA B 168 10.10 -14.65 -23.73
N LEU B 169 11.41 -14.63 -23.49
CA LEU B 169 12.06 -13.55 -22.74
C LEU B 169 12.80 -12.65 -23.72
N ILE B 170 12.28 -11.44 -23.92
CA ILE B 170 12.89 -10.47 -24.82
C ILE B 170 13.85 -9.62 -23.99
N ALA B 171 15.14 -9.96 -24.06
CA ALA B 171 16.16 -9.31 -23.25
C ALA B 171 16.84 -8.22 -24.07
N GLY B 172 17.00 -7.05 -23.47
CA GLY B 172 17.65 -5.93 -24.12
C GLY B 172 19.15 -5.91 -23.99
N SER B 173 19.73 -6.91 -23.33
CA SER B 173 21.17 -6.96 -23.12
C SER B 173 21.51 -8.30 -22.48
N GLU B 174 22.77 -8.71 -22.64
CA GLU B 174 23.21 -9.98 -22.09
C GLU B 174 22.95 -10.05 -20.59
N LYS B 175 23.14 -8.93 -19.88
CA LYS B 175 22.80 -8.88 -18.47
C LYS B 175 21.32 -9.18 -18.26
N ALA B 176 20.46 -8.63 -19.12
CA ALA B 176 19.03 -8.83 -18.98
C ALA B 176 18.63 -10.29 -19.16
N ILE B 177 19.45 -11.10 -19.82
CA ILE B 177 19.13 -12.51 -20.00
C ILE B 177 19.05 -13.24 -18.65
N ASN B 178 19.69 -12.70 -17.61
CA ASN B 178 19.73 -13.38 -16.32
C ASN B 178 18.36 -13.47 -15.63
N THR B 179 17.35 -12.71 -16.07
CA THR B 179 16.03 -12.90 -15.47
C THR B 179 15.42 -14.23 -15.85
N ALA B 180 15.95 -14.89 -16.89
CA ALA B 180 15.51 -16.25 -17.18
C ALA B 180 15.73 -17.16 -15.99
N PHE B 181 16.81 -16.93 -15.25
CA PHE B 181 17.12 -17.73 -14.07
C PHE B 181 16.34 -17.29 -12.85
N VAL B 182 15.49 -16.27 -12.98
CA VAL B 182 14.47 -15.96 -12.00
C VAL B 182 13.08 -16.28 -12.53
N LEU B 183 12.84 -16.02 -13.82
CA LEU B 183 11.57 -16.37 -14.44
C LEU B 183 11.33 -17.88 -14.40
N ASN B 184 12.39 -18.68 -14.41
CA ASN B 184 12.22 -20.12 -14.43
C ASN B 184 11.45 -20.61 -13.22
N TRP B 185 11.40 -19.83 -12.14
CA TRP B 185 10.56 -20.18 -11.00
C TRP B 185 9.11 -20.40 -11.43
N PHE B 186 8.63 -19.59 -12.39
CA PHE B 186 7.26 -19.71 -12.85
C PHE B 186 7.13 -20.71 -14.00
N THR B 187 8.06 -20.70 -14.96
CA THR B 187 7.98 -21.61 -16.09
C THR B 187 9.39 -21.94 -16.56
N PRO B 188 9.73 -23.22 -16.71
CA PRO B 188 11.04 -23.57 -17.29
C PRO B 188 11.06 -23.54 -18.81
N TYR B 189 9.91 -23.35 -19.45
CA TYR B 189 9.80 -23.39 -20.90
C TYR B 189 10.08 -22.01 -21.49
N ILE B 190 11.31 -21.55 -21.25
CA ILE B 190 11.73 -20.19 -21.57
C ILE B 190 12.52 -20.22 -22.87
N THR B 191 12.18 -19.33 -23.78
CA THR B 191 12.97 -19.06 -24.99
C THR B 191 13.52 -17.64 -24.89
N VAL B 192 14.84 -17.51 -24.95
CA VAL B 192 15.51 -16.21 -24.82
C VAL B 192 15.64 -15.60 -26.20
N LEU B 193 15.18 -14.36 -26.34
CA LEU B 193 15.28 -13.60 -27.58
C LEU B 193 16.18 -12.40 -27.34
N THR B 194 17.24 -12.29 -28.12
CA THR B 194 18.15 -11.14 -28.06
C THR B 194 17.85 -10.10 -29.12
N LEU B 195 16.93 -10.40 -30.05
CA LEU B 195 16.62 -9.53 -31.18
C LEU B 195 17.82 -9.29 -32.08
N GLY B 196 18.90 -10.04 -31.90
CA GLY B 196 20.12 -9.83 -32.65
C GLY B 196 20.62 -8.40 -32.57
N ALA B 197 20.73 -7.89 -31.34
CA ALA B 197 21.22 -6.54 -31.10
C ALA B 197 22.51 -6.47 -30.32
N TYR B 198 22.93 -7.56 -29.68
CA TYR B 198 24.14 -7.61 -28.89
C TYR B 198 24.73 -9.02 -28.92
N PRO B 199 26.05 -9.16 -28.94
CA PRO B 199 26.65 -10.50 -28.90
C PRO B 199 26.50 -11.15 -27.53
N VAL B 200 26.20 -12.45 -27.56
CA VAL B 200 26.08 -13.25 -26.34
C VAL B 200 27.38 -14.03 -26.15
N GLY B 201 27.90 -14.00 -24.93
CA GLY B 201 29.11 -14.74 -24.63
C GLY B 201 28.86 -16.23 -24.49
N ASP B 202 29.88 -17.02 -24.82
CA ASP B 202 29.75 -18.47 -24.71
C ASP B 202 29.42 -18.89 -23.29
N GLU B 203 29.96 -18.18 -22.29
CA GLU B 203 29.61 -18.47 -20.90
C GLU B 203 28.10 -18.49 -20.71
N MET B 204 27.42 -17.42 -21.14
CA MET B 204 25.97 -17.39 -21.05
C MET B 204 25.33 -18.37 -22.02
N ARG B 205 25.92 -18.52 -23.21
CA ARG B 205 25.41 -19.47 -24.19
C ARG B 205 25.41 -20.88 -23.63
N ALA B 206 26.49 -21.26 -22.95
CA ALA B 206 26.55 -22.58 -22.32
C ALA B 206 25.59 -22.70 -21.14
N LYS B 207 25.39 -21.61 -20.40
CA LYS B 207 24.50 -21.66 -19.24
C LYS B 207 23.05 -21.86 -19.68
N LEU B 208 22.62 -21.15 -20.73
CA LEU B 208 21.27 -21.35 -21.25
C LEU B 208 21.09 -22.77 -21.75
N ALA B 209 22.11 -23.34 -22.40
CA ALA B 209 22.02 -24.71 -22.89
C ALA B 209 21.90 -25.71 -21.76
N ASP B 210 22.70 -25.55 -20.71
CA ASP B 210 22.60 -26.44 -19.55
C ASP B 210 21.18 -26.43 -18.98
N HIS B 211 20.54 -25.26 -18.98
CA HIS B 211 19.18 -25.17 -18.47
C HIS B 211 18.13 -25.57 -19.49
N GLY B 212 18.51 -25.66 -20.76
CA GLY B 212 17.58 -26.06 -21.79
C GLY B 212 16.72 -24.93 -22.33
N TYR B 213 17.15 -23.69 -22.17
CA TYR B 213 16.38 -22.55 -22.66
C TYR B 213 16.89 -22.21 -24.06
N PRO B 214 16.09 -22.39 -25.11
CA PRO B 214 16.57 -22.03 -26.46
C PRO B 214 16.98 -20.56 -26.52
N LEU B 215 18.02 -20.31 -27.31
CA LEU B 215 18.53 -18.96 -27.53
C LEU B 215 18.38 -18.63 -29.01
N ILE B 216 17.52 -17.65 -29.32
CA ILE B 216 17.25 -17.24 -30.68
C ILE B 216 17.76 -15.80 -30.84
N GLU B 217 18.74 -15.62 -31.73
CA GLU B 217 19.38 -14.32 -31.92
C GLU B 217 18.94 -13.67 -33.23
N LYS B 218 17.76 -14.02 -33.74
CA LYS B 218 17.21 -13.38 -34.93
C LYS B 218 16.40 -12.15 -34.54
N PRO B 219 16.32 -11.14 -35.40
CA PRO B 219 15.41 -10.01 -35.13
C PRO B 219 13.95 -10.44 -35.23
N ILE B 220 13.09 -9.60 -34.67
CA ILE B 220 11.65 -9.83 -34.68
C ILE B 220 11.05 -9.00 -35.81
N ALA B 221 9.98 -9.51 -36.39
CA ALA B 221 9.25 -8.83 -37.45
C ALA B 221 7.80 -8.55 -37.10
N ARG B 222 7.14 -9.48 -36.40
CA ARG B 222 5.73 -9.33 -36.09
C ARG B 222 5.39 -10.22 -34.90
N PHE B 223 4.48 -9.74 -34.05
CA PHE B 223 3.93 -10.55 -32.98
C PHE B 223 2.63 -11.16 -33.46
N LEU B 224 2.50 -12.48 -33.30
CA LEU B 224 1.37 -13.23 -33.83
C LEU B 224 0.33 -13.42 -32.74
N GLY B 225 -0.93 -13.17 -33.09
CA GLY B 225 -2.02 -13.33 -32.15
C GLY B 225 -3.31 -12.83 -32.73
N LYS B 226 -4.32 -12.77 -31.88
CA LYS B 226 -5.66 -12.34 -32.29
C LYS B 226 -6.45 -11.99 -31.04
N ASP B 227 -6.98 -10.76 -31.01
CA ASP B 227 -7.74 -10.28 -29.85
C ASP B 227 -6.85 -10.13 -28.62
N HIS B 228 -5.69 -9.50 -28.81
CA HIS B 228 -4.80 -9.10 -27.72
C HIS B 228 -4.20 -10.28 -26.97
N VAL B 229 -4.27 -11.49 -27.53
CA VAL B 229 -3.68 -12.67 -26.89
C VAL B 229 -2.62 -13.19 -27.86
N MET B 230 -1.36 -12.86 -27.57
CA MET B 230 -0.25 -13.33 -28.39
C MET B 230 -0.17 -14.85 -28.33
N ASP B 231 0.20 -15.46 -29.46
CA ASP B 231 0.39 -16.90 -29.53
C ASP B 231 1.68 -17.32 -30.23
N GLY B 232 2.49 -16.38 -30.69
CA GLY B 232 3.72 -16.71 -31.36
C GLY B 232 4.46 -15.46 -31.76
N ILE B 233 5.68 -15.66 -32.26
CA ILE B 233 6.55 -14.59 -32.71
C ILE B 233 7.15 -14.98 -34.05
N GLU B 234 7.09 -14.06 -35.00
CA GLU B 234 7.66 -14.26 -36.32
C GLU B 234 8.92 -13.41 -36.45
N PHE B 235 9.99 -14.02 -36.94
CA PHE B 235 11.28 -13.35 -37.05
C PHE B 235 11.49 -12.83 -38.47
N ALA B 236 12.61 -12.12 -38.65
CA ALA B 236 12.87 -11.46 -39.93
C ALA B 236 13.00 -12.47 -41.06
N ASP B 237 13.63 -13.61 -40.79
CA ASP B 237 13.89 -14.60 -41.83
C ASP B 237 12.67 -15.45 -42.17
N GLY B 238 11.51 -15.18 -41.56
CA GLY B 238 10.29 -15.89 -41.87
C GLY B 238 9.95 -17.01 -40.91
N THR B 239 10.93 -17.51 -40.15
CA THR B 239 10.63 -18.54 -39.17
C THR B 239 9.86 -17.94 -38.00
N SER B 240 9.39 -18.82 -37.12
CA SER B 240 8.56 -18.36 -36.00
C SER B 240 8.58 -19.40 -34.90
N ILE B 241 8.13 -18.97 -33.71
CA ILE B 241 7.95 -19.86 -32.57
C ILE B 241 6.55 -19.62 -32.01
N LYS B 242 6.02 -20.65 -31.34
CA LYS B 242 4.74 -20.55 -30.65
C LYS B 242 4.96 -20.42 -29.16
N VAL B 243 4.45 -19.33 -28.59
CA VAL B 243 4.54 -19.05 -27.17
C VAL B 243 3.20 -18.50 -26.72
N ASP B 244 2.75 -18.92 -25.53
CA ASP B 244 1.52 -18.42 -24.95
C ASP B 244 1.72 -17.16 -24.12
N THR B 245 2.97 -16.78 -23.83
CA THR B 245 3.24 -15.61 -23.01
C THR B 245 4.67 -15.16 -23.25
N GLY B 246 5.01 -13.99 -22.71
CA GLY B 246 6.36 -13.46 -22.84
C GLY B 246 6.61 -12.40 -21.78
N LEU B 247 7.90 -12.07 -21.63
CA LEU B 247 8.34 -11.10 -20.63
C LEU B 247 9.36 -10.17 -21.27
N ILE B 248 9.09 -8.87 -21.23
CA ILE B 248 9.98 -7.86 -21.77
C ILE B 248 10.93 -7.40 -20.67
N SER B 249 12.23 -7.54 -20.91
CA SER B 249 13.26 -7.13 -19.96
C SER B 249 14.29 -6.27 -20.71
N MET B 250 13.86 -5.08 -21.13
CA MET B 250 14.71 -4.19 -21.92
C MET B 250 15.05 -2.89 -21.19
N GLY B 251 14.89 -2.86 -19.87
CA GLY B 251 15.22 -1.68 -19.10
C GLY B 251 14.05 -0.72 -18.99
N SER B 252 14.35 0.45 -18.42
CA SER B 252 13.34 1.47 -18.16
C SER B 252 13.94 2.85 -18.35
N ILE B 253 13.12 3.78 -18.83
CA ILE B 253 13.47 5.19 -18.93
C ILE B 253 12.75 5.94 -17.81
N ARG B 254 13.49 6.75 -17.06
CA ARG B 254 12.92 7.50 -15.95
C ARG B 254 12.24 8.77 -16.44
N HIS B 255 11.19 9.17 -15.72
CA HIS B 255 10.49 10.43 -15.97
C HIS B 255 11.03 11.54 -15.08
N ASP B 256 12.35 11.72 -15.06
CA ASP B 256 13.02 12.60 -14.11
C ASP B 256 13.70 13.80 -14.79
N GLY B 257 13.12 14.27 -15.90
CA GLY B 257 13.69 15.42 -16.58
C GLY B 257 13.66 16.69 -15.74
N TYR B 258 12.48 17.05 -15.27
CA TYR B 258 12.29 18.28 -14.49
C TYR B 258 13.14 18.33 -13.23
N LEU B 259 13.70 17.20 -12.78
CA LEU B 259 14.53 17.18 -11.57
C LEU B 259 16.01 17.43 -11.87
N LYS B 260 16.35 17.80 -13.10
CA LYS B 260 17.76 18.00 -13.44
C LYS B 260 18.40 19.08 -12.58
N ASN B 261 17.71 20.21 -12.38
CA ASN B 261 18.29 21.31 -11.63
C ASN B 261 18.53 20.96 -10.17
N LEU B 262 17.69 20.10 -9.59
CA LEU B 262 17.74 19.87 -8.16
C LEU B 262 18.87 18.90 -7.80
N ASP B 263 19.31 18.97 -6.56
CA ASP B 263 20.32 18.06 -6.04
C ASP B 263 20.81 18.50 -4.66
N LEU B 265 20.48 15.05 -5.26
CA LEU B 265 19.66 13.84 -5.38
C LEU B 265 20.54 12.63 -5.64
N THR B 266 21.08 12.07 -4.56
CA THR B 266 21.94 10.90 -4.68
C THR B 266 21.23 9.78 -5.42
N ASP B 267 22.00 9.02 -6.19
CA ASP B 267 21.47 7.93 -6.99
C ASP B 267 22.31 6.68 -6.82
N GLY B 269 21.17 4.33 -9.60
CA GLY B 269 20.16 4.18 -10.63
C GLY B 269 18.89 4.92 -10.31
N ASP B 270 18.38 4.74 -9.11
CA ASP B 270 17.16 5.40 -8.64
C ASP B 270 17.49 6.35 -7.51
N ILE B 271 16.50 7.17 -7.14
CA ILE B 271 16.68 8.16 -6.09
C ILE B 271 16.68 7.44 -4.75
N VAL B 272 17.60 7.82 -3.86
CA VAL B 272 17.68 7.22 -2.54
C VAL B 272 16.86 8.05 -1.58
N THR B 273 16.15 7.37 -0.68
CA THR B 273 15.28 8.04 0.28
C THR B 273 15.31 7.31 1.61
N GLU B 274 14.90 8.02 2.66
CA GLU B 274 14.71 7.40 3.96
C GLU B 274 13.34 6.71 3.99
N TYR B 275 12.95 6.19 5.15
CA TYR B 275 11.64 5.59 5.28
C TYR B 275 10.52 6.59 5.04
N ASP B 276 10.78 7.88 5.25
CA ASP B 276 9.80 8.92 4.97
C ASP B 276 9.60 9.17 3.48
N CYS B 277 10.40 8.54 2.61
CA CYS B 277 10.50 8.86 1.19
C CYS B 277 11.17 10.21 0.95
N ARG B 278 11.85 10.75 1.95
CA ARG B 278 12.54 12.02 1.81
C ARG B 278 13.84 11.84 1.03
N THR B 279 14.02 12.63 -0.02
CA THR B 279 15.23 12.54 -0.83
C THR B 279 16.37 13.30 -0.14
N SER B 280 17.50 13.41 -0.84
CA SER B 280 18.63 14.19 -0.32
C SER B 280 18.32 15.69 -0.33
N HIS B 281 17.65 16.17 -1.38
CA HIS B 281 17.32 17.58 -1.46
C HIS B 281 16.24 17.93 -0.45
N PRO B 282 16.47 18.88 0.47
CA PRO B 282 15.46 19.15 1.51
C PRO B 282 14.12 19.55 0.91
N ARG B 283 13.04 19.05 1.50
CA ARG B 283 11.67 19.37 1.14
C ARG B 283 11.20 18.73 -0.16
N VAL B 284 11.86 17.69 -0.66
CA VAL B 284 11.35 16.95 -1.81
C VAL B 284 11.38 15.46 -1.49
N PHE B 285 10.32 14.76 -1.85
CA PHE B 285 10.16 13.33 -1.61
C PHE B 285 10.00 12.59 -2.92
N ALA B 286 10.56 11.39 -3.00
CA ALA B 286 10.44 10.52 -4.17
C ALA B 286 9.63 9.30 -3.81
N LEU B 287 8.67 8.94 -4.67
CA LEU B 287 7.72 7.87 -4.39
C LEU B 287 7.77 6.78 -5.46
N GLY B 288 7.43 5.57 -5.03
CA GLY B 288 7.10 4.52 -5.98
C GLY B 288 8.26 4.12 -6.87
N ASP B 289 8.03 4.17 -8.18
CA ASP B 289 9.01 3.65 -9.13
C ASP B 289 10.26 4.51 -9.23
N LEU B 290 10.20 5.79 -8.84
CA LEU B 290 11.38 6.63 -8.90
C LEU B 290 12.40 6.29 -7.83
N LYS B 291 11.97 5.68 -6.73
CA LYS B 291 12.85 5.40 -5.60
C LYS B 291 13.31 3.95 -5.61
N LYS B 292 14.41 3.72 -4.89
CA LYS B 292 14.96 2.37 -4.79
C LYS B 292 14.04 1.48 -3.97
N GLY B 293 13.64 0.36 -4.55
CA GLY B 293 12.76 -0.57 -3.88
C GLY B 293 11.83 -1.23 -4.88
N LEU B 294 10.95 -2.07 -4.36
CA LEU B 294 9.97 -2.75 -5.20
C LEU B 294 9.18 -1.75 -6.03
N ASN B 295 8.83 -2.17 -7.24
CA ASN B 295 8.02 -1.35 -8.15
C ASN B 295 6.64 -1.99 -8.25
N GLN B 296 5.83 -1.75 -7.23
CA GLN B 296 4.46 -2.24 -7.16
C GLN B 296 3.53 -1.10 -6.79
N VAL B 297 2.23 -1.31 -7.03
CA VAL B 297 1.24 -0.31 -6.66
C VAL B 297 1.08 -0.26 -5.15
N SER B 298 1.09 -1.42 -4.49
CA SER B 298 0.88 -1.45 -3.04
C SER B 298 1.92 -0.60 -2.31
N ILE B 299 3.19 -0.76 -2.66
CA ILE B 299 4.25 -0.04 -1.95
C ILE B 299 4.27 1.42 -2.39
N ALA B 300 3.82 1.72 -3.62
CA ALA B 300 3.77 3.11 -4.06
C ALA B 300 2.70 3.88 -3.30
N VAL B 301 1.50 3.30 -3.17
CA VAL B 301 0.45 3.93 -2.37
C VAL B 301 0.93 4.17 -0.96
N ALA B 302 1.59 3.16 -0.36
CA ALA B 302 2.11 3.33 0.99
C ALA B 302 3.16 4.44 1.04
N ASP B 303 3.98 4.56 0.00
CA ASP B 303 4.96 5.64 -0.07
C ASP B 303 4.28 7.00 0.05
N GLY B 304 3.17 7.20 -0.67
CA GLY B 304 2.45 8.46 -0.56
C GLY B 304 1.94 8.73 0.84
N THR B 305 1.48 7.68 1.51
CA THR B 305 1.04 7.83 2.91
C THR B 305 2.19 8.31 3.79
N LEU B 306 3.38 7.72 3.62
CA LEU B 306 4.53 8.11 4.44
C LEU B 306 4.92 9.56 4.18
N ALA B 307 5.07 9.93 2.91
CA ALA B 307 5.48 11.29 2.58
C ALA B 307 4.45 12.30 3.07
N ALA B 308 3.18 12.06 2.75
CA ALA B 308 2.12 12.98 3.15
C ALA B 308 2.11 13.19 4.67
N THR B 309 2.31 12.11 5.43
CA THR B 309 2.32 12.22 6.88
C THR B 309 3.56 12.95 7.37
N ALA B 310 4.72 12.64 6.79
CA ALA B 310 5.96 13.30 7.19
C ALA B 310 5.87 14.80 6.94
N ILE B 311 5.25 15.20 5.83
CA ILE B 311 5.07 16.63 5.55
C ILE B 311 4.10 17.23 6.56
N TRP B 312 2.99 16.56 6.81
CA TRP B 312 1.99 17.07 7.75
C TRP B 312 2.58 17.23 9.14
N LYS B 313 3.39 16.27 9.59
CA LYS B 313 4.01 16.37 10.91
C LYS B 313 4.93 17.58 11.01
N GLU B 314 5.69 17.85 9.95
CA GLU B 314 6.63 18.98 9.98
C GLU B 314 5.88 20.31 10.04
N ILE B 315 4.82 20.46 9.25
CA ILE B 315 4.04 21.70 9.27
C ILE B 315 3.29 21.82 10.59
N ARG B 316 2.58 20.75 10.99
CA ARG B 316 1.83 20.78 12.23
C ARG B 316 2.70 21.19 13.41
N ARG B 317 3.85 20.56 13.52
CA ARG B 317 4.77 20.85 14.62
C ARG B 317 5.36 22.25 14.53
N ALA B 318 5.26 22.87 13.36
CA ALA B 318 5.78 24.21 13.16
C ALA B 318 4.70 25.28 13.20
N SER B 319 3.43 24.89 13.25
CA SER B 319 2.32 25.83 13.29
C SER B 319 1.97 26.18 14.74
N ALA B 320 1.32 27.32 14.91
CA ALA B 320 0.89 27.74 16.23
C ALA B 320 -0.33 26.93 16.68
N PRO B 321 -0.42 26.56 17.96
CA PRO B 321 -1.58 25.78 18.41
C PRO B 321 -2.88 26.52 18.19
N ARG B 322 -3.90 25.80 17.72
CA ARG B 322 -5.23 26.36 17.52
C ARG B 322 -5.98 26.24 18.84
N LYS B 323 -6.12 27.36 19.55
CA LYS B 323 -6.77 27.39 20.85
C LYS B 323 -8.26 27.70 20.70
N TRP B 324 -9.02 27.33 21.72
CA TRP B 324 -10.45 27.62 21.77
C TRP B 324 -10.64 28.97 22.46
N THR B 325 -11.05 29.99 21.71
CA THR B 325 -11.17 31.35 22.21
C THR B 325 -12.62 31.78 22.38
N ALA B 326 -13.55 30.83 22.48
CA ALA B 326 -14.96 31.14 22.66
C ALA B 326 -15.52 30.42 23.89
PA FAD C . -6.57 -5.75 10.46
O1A FAD C . -7.05 -5.12 9.20
O2A FAD C . -7.33 -5.51 11.74
O5B FAD C . -6.51 -7.32 10.24
C5B FAD C . -6.38 -8.18 11.35
C4B FAD C . -7.29 -9.38 11.17
O4B FAD C . -6.74 -10.50 11.82
C3B FAD C . -8.67 -9.10 11.74
O3B FAD C . -9.63 -9.26 10.70
C2B FAD C . -8.82 -10.11 12.87
O2B FAD C . -10.12 -10.70 12.85
C1B FAD C . -7.75 -11.14 12.61
N9A FAD C . -7.08 -11.67 13.82
C8A FAD C . -6.54 -10.96 14.82
N7A FAD C . -6.00 -11.78 15.74
C5A FAD C . -6.18 -13.05 15.33
C6A FAD C . -5.86 -14.41 15.82
N6A FAD C . -5.20 -14.60 16.98
N1A FAD C . -6.25 -15.46 15.07
C2A FAD C . -6.90 -15.31 13.90
N3A FAD C . -7.22 -14.10 13.40
C4A FAD C . -6.90 -12.96 14.05
N1 FAD C . -7.27 2.87 8.32
C2 FAD C . -7.05 3.58 7.19
O2 FAD C . -5.95 3.48 6.62
N3 FAD C . -7.96 4.40 6.66
C4 FAD C . -9.17 4.55 7.21
O4 FAD C . -10.01 5.32 6.70
C4X FAD C . -9.48 3.80 8.44
N5 FAD C . -10.69 3.92 9.05
C5X FAD C . -10.95 3.23 10.18
C6 FAD C . -12.18 3.36 10.77
C7 FAD C . -12.48 2.66 11.93
C7M FAD C . -13.83 2.81 12.58
C8 FAD C . -11.46 1.76 12.52
C8M FAD C . -11.77 0.98 13.77
C9 FAD C . -10.23 1.61 11.92
C9A FAD C . -9.92 2.32 10.77
N10 FAD C . -8.66 2.19 10.14
C10 FAD C . -8.43 2.91 8.98
C1' FAD C . -7.63 1.30 10.69
C2' FAD C . -7.34 0.16 9.73
O2' FAD C . -8.47 -0.70 9.72
C3' FAD C . -6.10 -0.63 10.15
O3' FAD C . -4.96 0.24 10.19
C4' FAD C . -5.80 -1.75 9.17
O4' FAD C . -6.93 -2.61 9.05
C5' FAD C . -4.59 -2.55 9.62
O5' FAD C . -4.57 -3.77 8.91
P FAD C . -3.96 -5.10 9.56
O1P FAD C . -4.03 -6.19 8.53
O2P FAD C . -2.66 -4.82 10.25
O3P FAD C . -5.03 -5.41 10.72
H51A FAD C . -5.35 -8.51 11.45
H52A FAD C . -6.66 -7.65 12.27
H4B FAD C . -7.38 -9.58 10.08
H3B FAD C . -8.68 -8.09 12.14
HO3A FAD C . -10.51 -9.15 11.07
H2B FAD C . -8.64 -9.62 13.82
HO2A FAD C . -10.79 -10.04 13.06
H1B FAD C . -8.19 -11.97 12.04
H8A FAD C . -6.54 -9.88 14.87
H61A FAD C . -4.92 -13.81 17.54
H62A FAD C . -4.99 -15.54 17.30
H2A FAD C . -7.18 -16.19 13.35
HN3 FAD C . -7.74 4.92 5.78
H6 FAD C . -12.92 4.02 10.34
HM71 FAD C . -14.49 2.09 12.18
HM72 FAD C . -14.19 3.79 12.40
HM73 FAD C . -13.73 2.65 13.62
HM81 FAD C . -11.48 1.56 14.62
HM82 FAD C . -11.23 0.07 13.76
HM83 FAD C . -12.80 0.78 13.81
H9 FAD C . -9.48 0.95 12.35
H1'1 FAD C . -7.92 0.89 11.66
H1'2 FAD C . -6.71 1.88 10.85
H2' FAD C . -7.17 0.58 8.73
HO2' FAD C . -8.60 -1.07 10.60
H3' FAD C . -6.28 -1.06 11.14
H4' FAD C . -5.58 -1.31 8.19
HO4' FAD C . -7.12 -3.02 9.91
H5'1 FAD C . -4.65 -2.74 10.69
H5'2 FAD C . -3.67 -1.99 9.42
PA FAD D . -11.96 -12.10 20.86
O1A FAD D . -10.61 -11.73 21.37
O2A FAD D . -12.26 -12.09 19.38
O5B FAD D . -12.34 -13.54 21.46
C5B FAD D . -11.75 -13.98 22.67
C4B FAD D . -11.44 -15.47 22.60
O4B FAD D . -12.37 -16.16 21.78
C3B FAD D . -10.06 -15.70 22.00
O3B FAD D . -9.06 -15.78 23.01
C2B FAD D . -10.21 -16.97 21.19
O2B FAD D . -9.70 -18.08 21.92
C1B FAD D . -11.71 -17.15 20.98
N9A FAD D . -12.07 -16.97 19.55
C8A FAD D . -12.24 -15.77 18.94
N7A FAD D . -12.58 -15.95 17.63
C5A FAD D . -12.61 -17.26 17.38
C6A FAD D . -12.89 -18.12 16.21
N6A FAD D . -13.21 -17.59 15.00
N1A FAD D . -12.82 -19.45 16.37
C2A FAD D . -12.51 -20.01 17.56
N3A FAD D . -12.24 -19.28 18.66
C4A FAD D . -12.28 -17.93 18.64
N1 FAD D . -18.13 -5.56 18.73
C2 FAD D . -19.41 -5.97 18.60
O2 FAD D . -19.74 -7.06 19.09
N3 FAD D . -20.36 -5.24 17.96
C4 FAD D . -20.08 -4.06 17.42
O4 FAD D . -20.96 -3.40 16.84
C4X FAD D . -18.70 -3.54 17.52
N5 FAD D . -18.35 -2.36 16.99
C5X FAD D . -17.09 -1.90 17.09
C6 FAD D . -16.78 -0.68 16.53
C7 FAD D . -15.49 -0.18 16.61
C7M FAD D . -15.17 1.15 15.99
C8 FAD D . -14.44 -0.96 17.30
C8M FAD D . -13.04 -0.44 17.40
C9 FAD D . -14.76 -2.19 17.86
C9A FAD D . -16.05 -2.70 17.78
N10 FAD D . -16.37 -3.95 18.35
C10 FAD D . -17.71 -4.38 18.24
C1' FAD D . -15.39 -4.76 19.05
C2' FAD D . -15.68 -4.87 20.52
O2' FAD D . -15.16 -3.70 21.16
C3' FAD D . -15.02 -6.08 21.16
O3' FAD D . -13.63 -6.10 20.82
C4' FAD D . -15.67 -7.37 20.69
O4' FAD D . -17.09 -7.26 20.82
C5' FAD D . -15.19 -8.56 21.50
O5' FAD D . -14.68 -9.57 20.63
P FAD D . -14.57 -11.10 21.08
O1P FAD D . -15.44 -11.31 22.29
O2P FAD D . -14.76 -11.96 19.85
O3P FAD D . -13.05 -11.18 21.58
H51A FAD D . -12.44 -13.78 23.50
H52A FAD D . -10.83 -13.42 22.85
H4B FAD D . -11.45 -15.88 23.62
H3B FAD D . -9.84 -14.87 21.32
HO3A FAD D . -8.20 -15.98 22.61
H2B FAD D . -9.71 -16.86 20.22
HO2A FAD D . -8.74 -18.00 22.01
H1B FAD D . -12.00 -18.16 21.31
H8A FAD D . -12.14 -14.82 19.43
H61A FAD D . -13.40 -18.20 14.21
H62A FAD D . -13.26 -16.59 14.89
H2A FAD D . -12.47 -21.09 17.63
HN3 FAD D . -21.32 -5.61 17.91
H6 FAD D . -17.55 -0.10 16.02
HM71 FAD D . -15.34 1.92 16.70
HM72 FAD D . -14.16 1.16 15.68
HM73 FAD D . -15.81 1.32 15.15
HM81 FAD D . -12.49 -0.77 16.56
HM82 FAD D . -13.06 0.62 17.42
HM83 FAD D . -12.59 -0.79 18.28
H9 FAD D . -13.98 -2.76 18.37
H1'1 FAD D . -14.38 -4.36 18.91
H1'2 FAD D . -15.39 -5.77 18.62
H2' FAD D . -16.77 -4.93 20.67
HO2' FAD D . -14.19 -3.66 21.02
H3' FAD D . -15.13 -6.01 22.25
HO3' FAD D . -13.53 -6.17 19.86
H4' FAD D . -15.41 -7.53 19.63
HO4' FAD D . -17.31 -7.13 21.75
H5'1 FAD D . -16.02 -8.97 22.08
H5'2 FAD D . -14.41 -8.25 22.19
S SO4 E . 8.95 -28.87 -11.65
O1 SO4 E . 9.43 -29.53 -10.41
O2 SO4 E . 8.87 -29.86 -12.74
O3 SO4 E . 9.91 -27.82 -12.04
O4 SO4 E . 7.62 -28.28 -11.41
S SO4 F . -0.96 1.48 23.67
O1 SO4 F . -0.01 0.37 23.62
O2 SO4 F . -2.32 0.96 23.49
O3 SO4 F . -0.66 2.44 22.62
O4 SO4 F . -0.86 2.14 24.97
S SO4 G . 18.26 -12.69 -7.56
O1 SO4 G . 17.06 -13.25 -6.92
O2 SO4 G . 19.06 -13.78 -8.15
O3 SO4 G . 19.07 -11.99 -6.55
O4 SO4 G . 17.85 -11.74 -8.61
S SO4 H . -15.89 -4.44 24.46
O1 SO4 H . -16.84 -4.11 23.37
O2 SO4 H . -14.98 -5.52 24.05
O3 SO4 H . -15.07 -3.24 24.79
O4 SO4 H . -16.66 -4.90 25.64
S SO4 I . -12.81 -18.03 -5.56
O1 SO4 I . -13.14 -19.24 -4.78
O2 SO4 I . -12.34 -18.42 -6.91
O3 SO4 I . -14.00 -17.16 -5.67
O4 SO4 I . -11.75 -17.28 -4.86
S SO4 J . -18.78 -21.12 7.98
O1 SO4 J . -17.63 -21.39 8.86
O2 SO4 J . -18.39 -21.35 6.58
O3 SO4 J . -19.21 -19.72 8.16
O4 SO4 J . -19.90 -22.02 8.33
PA FAD K . 3.07 5.57 -12.03
O1A FAD K . 1.86 5.63 -11.15
O2A FAD K . 3.23 4.47 -13.02
O5B FAD K . 3.20 6.92 -12.88
C5B FAD K . 3.31 8.18 -12.25
C4B FAD K . 2.56 9.23 -13.06
O4B FAD K . 3.38 10.37 -13.24
C3B FAD K . 2.15 8.76 -14.44
O3B FAD K . 0.73 8.87 -14.58
C2B FAD K . 2.86 9.69 -15.40
O2B FAD K . 2.05 10.06 -16.53
C1B FAD K . 3.16 10.90 -14.54
N9A FAD K . 4.33 11.67 -15.02
C8A FAD K . 5.56 11.20 -15.30
N7A FAD K . 6.36 12.21 -15.72
C5A FAD K . 5.65 13.34 -15.69
C6A FAD K . 5.87 14.78 -16.00
N6A FAD K . 7.07 15.22 -16.43
N1A FAD K . 4.84 15.63 -15.83
C2A FAD K . 3.63 15.22 -15.41
N3A FAD K . 3.36 13.95 -15.11
C4A FAD K . 4.30 12.98 -15.23
N1 FAD K . 2.30 -3.29 -10.30
C2 FAD K . 1.67 -4.06 -9.38
O2 FAD K . 1.89 -3.86 -8.17
N3 FAD K . 0.81 -5.04 -9.70
C4 FAD K . 0.52 -5.32 -10.97
O4 FAD K . -0.28 -6.24 -11.24
C4X FAD K . 1.16 -4.53 -12.04
N5 FAD K . 0.90 -4.77 -13.35
C5X FAD K . 1.49 -4.04 -14.30
C6 FAD K . 1.19 -4.31 -15.63
C7 FAD K . 1.78 -3.57 -16.64
C7M FAD K . 1.46 -3.86 -18.07
C8 FAD K . 2.73 -2.49 -16.29
C8M FAD K . 3.37 -1.68 -17.39
C9 FAD K . 3.03 -2.21 -14.97
C9A FAD K . 2.44 -2.95 -13.95
N10 FAD K . 2.74 -2.69 -12.60
C10 FAD K . 2.09 -3.46 -11.62
C1' FAD K . 3.66 -1.61 -12.21
C2' FAD K . 2.90 -0.48 -11.56
O2' FAD K . 2.19 0.20 -12.60
C3' FAD K . 3.83 0.50 -10.85
O3' FAD K . 4.68 -0.18 -9.93
C4' FAD K . 3.02 1.55 -10.10
O4' FAD K . 2.06 2.10 -11.02
C5' FAD K . 3.94 2.62 -9.51
O5' FAD K . 3.32 3.91 -9.56
P FAD K . 4.18 5.26 -9.53
O1P FAD K . 3.29 6.33 -8.96
O2P FAD K . 5.54 5.03 -8.93
O3P FAD K . 4.35 5.54 -11.09
H51A FAD K . 4.36 8.46 -12.17
H52A FAD K . 2.90 8.13 -11.24
H4B FAD K . 1.65 9.52 -12.50
H3B FAD K . 2.48 7.73 -14.61
HO3A FAD K . 0.48 8.63 -15.48
H2B FAD K . 3.80 9.23 -15.74
HO2A FAD K . 1.89 9.28 -17.08
H1B FAD K . 2.28 11.55 -14.52
H8A FAD K . 5.85 10.16 -15.21
H61A FAD K . 7.84 14.56 -16.55
H62A FAD K . 7.20 16.20 -16.63
H2A FAD K . 2.86 15.97 -15.29
HN3 FAD K . 0.38 -5.60 -8.94
H6 FAD K . 0.49 -5.11 -15.87
HM71 FAD K . 0.63 -3.29 -18.37
HM72 FAD K . 1.24 -4.89 -18.18
HM73 FAD K . 2.29 -3.62 -18.68
HM81 FAD K . 4.28 -2.13 -17.68
HM82 FAD K . 2.72 -1.64 -18.23
HM83 FAD K . 3.56 -0.70 -17.04
H9 FAD K . 3.72 -1.42 -14.73
H1'1 FAD K . 4.40 -2.00 -11.50
H1'2 FAD K . 4.21 -1.24 -13.08
H2' FAD K . 2.19 -0.90 -10.83
HO2' FAD K . 2.82 0.57 -13.23
H3' FAD K . 4.45 1.01 -11.61
H4' FAD K . 2.49 1.05 -9.28
HO4' FAD K . 2.53 2.54 -11.75
H5'1 FAD K . 4.17 2.37 -8.47
H5'2 FAD K . 4.88 2.65 -10.07
PA FAD L . 5.88 11.74 -23.55
O1A FAD L . 7.04 12.04 -22.64
O2A FAD L . 4.56 11.28 -22.98
O5B FAD L . 5.61 13.03 -24.48
C5B FAD L . 6.70 13.86 -24.87
C4B FAD L . 6.31 15.32 -24.88
O4B FAD L . 4.89 15.51 -24.97
C3B FAD L . 6.76 16.01 -23.60
O3B FAD L . 7.98 16.73 -23.84
C2B FAD L . 5.61 16.90 -23.19
O2B FAD L . 5.94 18.30 -23.27
C1B FAD L . 4.48 16.60 -24.15
N9A FAD L . 3.27 16.26 -23.36
C8A FAD L . 2.90 15.01 -23.02
N7A FAD L . 1.76 15.05 -22.30
C5A FAD L . 1.37 16.33 -22.19
C6A FAD L . 0.25 17.06 -21.56
N6A FAD L . -0.73 16.42 -20.88
N1A FAD L . 0.24 18.40 -21.68
C2A FAD L . 1.19 19.08 -22.34
N3A FAD L . 2.24 18.46 -22.93
C4A FAD L . 2.39 17.12 -22.89
N1 FAD L . 2.04 4.08 -26.04
C2 FAD L . 1.05 4.29 -26.94
O2 FAD L . 1.04 5.36 -27.58
N3 FAD L . 0.09 3.40 -27.18
C4 FAD L . 0.05 2.23 -26.54
O4 FAD L . -0.86 1.42 -26.77
C4X FAD L . 1.08 1.93 -25.53
N5 FAD L . 1.08 0.76 -24.85
C5X FAD L . 2.05 0.50 -23.95
C6 FAD L . 2.01 -0.71 -23.26
C7 FAD L . 2.99 -1.00 -22.32
C7M FAD L . 2.96 -2.30 -21.57
C8 FAD L . 4.06 -0.01 -22.04
C8M FAD L . 5.12 -0.33 -21.03
C9 FAD L . 4.10 1.19 -22.74
C9A FAD L . 3.12 1.49 -23.67
N10 FAD L . 3.13 2.72 -24.37
C10 FAD L . 2.12 2.94 -25.32
C1' FAD L . 4.18 3.72 -24.14
C2' FAD L . 4.89 4.07 -25.44
O2' FAD L . 6.03 3.21 -25.53
C3' FAD L . 5.36 5.51 -25.50
O3' FAD L . 6.00 5.84 -24.26
C4' FAD L . 4.20 6.46 -25.76
O4' FAD L . 3.26 5.80 -26.62
C5' FAD L . 4.63 7.76 -26.42
O5' FAD L . 5.15 8.66 -25.44
P FAD L . 5.43 10.20 -25.84
O1P FAD L . 6.25 10.22 -27.10
O2P FAD L . 4.13 10.95 -25.76
O3P FAD L . 6.39 10.67 -24.64
H51A FAD L . 7.54 13.70 -24.19
H52A FAD L . 7.03 13.56 -25.88
H4B FAD L . 6.80 15.82 -25.74
H3B FAD L . 6.92 15.24 -22.83
HO3A FAD L . 8.23 17.20 -23.04
H2B FAD L . 5.30 16.63 -22.17
HO2A FAD L . 6.61 18.51 -22.59
H1B FAD L . 4.29 17.48 -24.77
H8A FAD L . 3.45 14.11 -23.27
H61A FAD L . -0.70 15.42 -20.80
H62A FAD L . -1.48 16.94 -20.45
H2A FAD L . 1.13 20.15 -22.41
HN3 FAD L . -0.64 3.61 -27.89
H6 FAD L . 1.23 -1.43 -23.46
HM71 FAD L . 3.51 -3.02 -22.11
HM72 FAD L . 3.39 -2.16 -20.61
HM73 FAD L . 1.96 -2.62 -21.46
HM81 FAD L . 4.81 0.02 -20.08
HM82 FAD L . 6.03 0.16 -21.30
HM83 FAD L . 5.28 -1.37 -20.99
H9 FAD L . 4.88 1.90 -22.52
H1'1 FAD L . 3.72 4.63 -23.74
H1'2 FAD L . 4.91 3.38 -23.42
H2' FAD L . 4.21 3.88 -26.28
HO2' FAD L . 6.62 3.38 -24.79
H3' FAD L . 6.08 5.61 -26.31
HO3' FAD L . 5.35 5.76 -23.54
H4' FAD L . 3.72 6.70 -24.80
HO4' FAD L . 3.68 5.62 -27.47
H5'1 FAD L . 5.40 7.55 -27.16
H5'2 FAD L . 3.79 8.21 -26.92
S SO4 M . 26.51 -23.47 -26.60
O1 SO4 M . 27.14 -23.97 -27.83
O2 SO4 M . 27.20 -24.05 -25.43
O3 SO4 M . 26.61 -21.99 -26.57
O4 SO4 M . 25.08 -23.86 -26.61
S SO4 N . 25.53 -6.14 -20.32
O1 SO4 N . 26.23 -7.14 -19.53
O2 SO4 N . 24.81 -6.79 -21.42
O3 SO4 N . 24.57 -5.42 -19.47
O4 SO4 N . 26.48 -5.18 -20.87
S SO4 O . 14.58 -4.87 -16.99
O1 SO4 O . 14.67 -6.30 -16.66
O2 SO4 O . 15.69 -4.52 -17.90
O3 SO4 O . 13.30 -4.58 -17.66
O4 SO4 O . 14.67 -4.07 -15.76
S SO4 P . -1.62 -13.05 -36.90
O1 SO4 P . -1.55 -14.33 -37.62
O2 SO4 P . -0.29 -12.74 -36.34
O3 SO4 P . -2.04 -11.96 -37.81
O4 SO4 P . -2.61 -13.17 -35.80
S SO4 Q . 15.37 24.64 -17.36
O1 SO4 Q . 16.78 24.83 -17.05
O2 SO4 Q . 15.07 23.20 -17.38
O3 SO4 Q . 14.56 25.28 -16.34
O4 SO4 Q . 15.07 25.21 -18.67
#